data_3C5P
#
_entry.id   3C5P
#
_cell.length_a   132.915
_cell.length_b   228.581
_cell.length_c   132.093
_cell.angle_alpha   90.00
_cell.angle_beta   90.00
_cell.angle_gamma   90.00
#
_symmetry.space_group_name_H-M   'C 2 2 21'
#
loop_
_entity.id
_entity.type
_entity.pdbx_description
1 polymer 'Protein BAS0735 of unknown function'
2 non-polymer 'MAGNESIUM ION'
3 water water
#
_entity_poly.entity_id   1
_entity_poly.type   'polypeptide(L)'
_entity_poly.pdbx_seq_one_letter_code
;SNA(MSE)TNIIKIRASVFIP(MSE)SWTEAK(MSE)D(MSE)ETGQVIQFEGDSREFTPHAVNT(MSE)RSRVEQEVVV
DFYKQEVFSYANTGITTEKVISPDGSVNKRTGKASTENIVCTDIVWNSGGVQFK(MSE)SASASNPLNVYAPPVDYVLNV
CVKKDGSIDVQGEHDGFPCFEFYKQVDFGPFEKIYTHDFRETGDTAAALGGN(MSE)DYSFTKRL
;
_entity_poly.pdbx_strand_id   A,B,C,D,E,F
#
# COMPACT_ATOMS: atom_id res chain seq x y z
N THR A 5 -55.42 29.15 7.86
CA THR A 5 -54.21 29.78 7.27
C THR A 5 -53.03 29.64 8.22
N ASN A 6 -51.87 29.34 7.65
CA ASN A 6 -50.80 28.86 8.47
C ASN A 6 -49.69 29.85 8.72
N ILE A 7 -49.21 30.44 7.63
CA ILE A 7 -48.08 31.35 7.72
C ILE A 7 -48.50 32.70 7.24
N ILE A 8 -48.26 33.71 8.06
CA ILE A 8 -48.49 35.05 7.63
C ILE A 8 -47.29 35.93 7.96
N LYS A 9 -46.76 36.56 6.91
CA LYS A 9 -45.51 37.32 6.94
C LYS A 9 -45.77 38.80 6.74
N ILE A 10 -45.10 39.66 7.50
CA ILE A 10 -45.14 41.09 7.29
C ILE A 10 -43.74 41.59 6.95
N ARG A 11 -43.62 42.32 5.83
CA ARG A 11 -42.35 42.81 5.34
C ARG A 11 -42.29 44.33 5.38
N ALA A 12 -41.19 44.88 5.88
CA ALA A 12 -40.98 46.32 5.94
C ALA A 12 -39.68 46.65 5.23
N SER A 13 -39.68 47.71 4.44
CA SER A 13 -38.47 48.11 3.76
C SER A 13 -38.31 49.61 3.80
N VAL A 14 -37.08 50.05 4.03
CA VAL A 14 -36.75 51.46 4.00
C VAL A 14 -35.68 51.64 2.93
N PHE A 15 -35.98 52.44 1.91
CA PHE A 15 -35.01 52.59 0.83
C PHE A 15 -34.90 54.01 0.27
N ILE A 16 -33.76 54.37 -0.33
CA ILE A 16 -33.64 55.60 -1.07
C ILE A 16 -33.76 55.25 -2.55
N PRO A 17 -34.76 55.82 -3.25
CA PRO A 17 -34.94 55.52 -4.67
C PRO A 17 -33.83 55.96 -5.68
N SER A 19 -30.00 56.99 -7.29
CA SER A 19 -28.70 56.37 -7.19
C SER A 19 -27.80 56.97 -6.10
N TRP A 20 -27.93 58.25 -5.83
CA TRP A 20 -27.01 58.96 -4.95
C TRP A 20 -27.78 59.94 -4.17
N THR A 21 -27.41 60.11 -2.90
CA THR A 21 -28.06 61.10 -2.06
C THR A 21 -27.66 62.51 -2.52
N GLU A 22 -28.40 63.49 -2.02
CA GLU A 22 -28.16 64.91 -2.23
C GLU A 22 -26.69 65.20 -1.93
N ALA A 23 -26.00 65.93 -2.80
CA ALA A 23 -24.60 66.26 -2.61
C ALA A 23 -24.38 67.24 -1.44
N LYS A 24 -23.41 66.98 -0.54
CA LYS A 24 -23.00 67.99 0.48
C LYS A 24 -21.56 68.44 0.24
N ASP A 26 -18.21 70.21 2.19
CA ASP A 26 -17.59 70.72 3.41
C ASP A 26 -16.51 71.73 3.04
N GLU A 28 -14.34 73.00 4.79
CA GLU A 28 -13.15 72.72 5.59
C GLU A 28 -12.14 71.87 4.81
N THR A 29 -12.65 70.81 4.19
CA THR A 29 -11.85 69.79 3.53
C THR A 29 -11.84 69.99 2.02
N GLY A 30 -12.86 70.62 1.48
CA GLY A 30 -12.94 70.88 0.06
C GLY A 30 -13.73 69.76 -0.60
N GLN A 31 -14.14 68.78 0.16
CA GLN A 31 -14.78 67.60 -0.44
C GLN A 31 -16.22 67.77 -0.82
N VAL A 32 -16.70 66.86 -1.66
CA VAL A 32 -18.08 66.83 -2.02
C VAL A 32 -18.48 65.39 -1.79
N ILE A 33 -19.47 65.15 -0.97
CA ILE A 33 -19.74 63.79 -0.55
C ILE A 33 -21.18 63.44 -0.92
N GLN A 34 -21.38 62.21 -1.36
CA GLN A 34 -22.72 61.68 -1.35
C GLN A 34 -22.72 60.17 -1.12
N PHE A 35 -23.84 59.66 -0.63
CA PHE A 35 -23.98 58.26 -0.27
C PHE A 35 -24.81 57.52 -1.30
N GLU A 36 -24.55 56.23 -1.46
CA GLU A 36 -25.22 55.45 -2.49
C GLU A 36 -26.65 55.08 -2.13
N GLY A 37 -27.53 55.11 -3.13
CA GLY A 37 -28.92 54.80 -2.92
C GLY A 37 -29.28 53.38 -3.33
N ASP A 38 -30.56 53.17 -3.58
CA ASP A 38 -31.07 51.85 -3.86
C ASP A 38 -31.65 51.77 -5.25
N SER A 39 -31.57 52.87 -5.98
CA SER A 39 -31.69 52.83 -7.43
C SER A 39 -32.87 51.97 -7.87
N ARG A 40 -34.02 52.18 -7.25
CA ARG A 40 -35.16 51.28 -7.48
C ARG A 40 -36.46 51.95 -7.07
N GLU A 41 -37.56 51.48 -7.66
CA GLU A 41 -38.89 51.94 -7.28
C GLU A 41 -39.48 51.06 -6.18
N PHE A 42 -40.79 51.17 -5.99
CA PHE A 42 -41.46 50.33 -4.99
C PHE A 42 -41.63 48.92 -5.51
N THR A 43 -41.31 47.96 -4.66
CA THR A 43 -41.56 46.55 -4.96
C THR A 43 -41.30 45.70 -3.75
N PRO A 44 -42.06 44.58 -3.64
CA PRO A 44 -41.96 43.72 -2.46
C PRO A 44 -40.88 42.66 -2.62
N HIS A 45 -40.25 42.60 -3.79
CA HIS A 45 -39.42 41.45 -4.14
C HIS A 45 -37.93 41.70 -3.95
N ALA A 46 -37.58 42.50 -2.95
CA ALA A 46 -36.23 43.02 -2.86
C ALA A 46 -35.47 42.44 -1.68
N VAL A 47 -35.87 41.25 -1.21
CA VAL A 47 -35.23 40.62 -0.06
C VAL A 47 -33.78 40.22 -0.39
N ASN A 48 -32.87 40.47 0.54
CA ASN A 48 -31.49 40.04 0.39
C ASN A 48 -30.85 40.62 -0.86
N THR A 49 -31.47 41.65 -1.40
CA THR A 49 -31.01 42.23 -2.62
C THR A 49 -30.07 43.40 -2.36
N ARG A 51 -30.79 46.31 -1.80
CA ARG A 51 -31.33 47.55 -2.35
C ARG A 51 -32.29 48.22 -1.37
N SER A 52 -31.91 48.24 -0.10
CA SER A 52 -32.64 49.00 0.91
C SER A 52 -31.77 49.27 2.14
N ARG A 53 -31.99 50.42 2.78
CA ARG A 53 -31.20 50.79 3.94
C ARG A 53 -31.55 49.93 5.15
N VAL A 54 -32.83 49.57 5.27
CA VAL A 54 -33.33 48.77 6.40
C VAL A 54 -34.41 47.87 5.84
N GLU A 55 -34.43 46.63 6.32
CA GLU A 55 -35.29 45.60 5.81
C GLU A 55 -35.63 44.73 6.99
N GLN A 56 -36.91 44.41 7.14
CA GLN A 56 -37.36 43.60 8.28
C GLN A 56 -38.58 42.77 7.86
N GLU A 57 -38.59 41.50 8.28
CA GLU A 57 -39.70 40.59 8.00
C GLU A 57 -40.06 39.82 9.25
N VAL A 58 -41.32 39.88 9.66
CA VAL A 58 -41.79 39.06 10.77
C VAL A 58 -42.71 38.01 10.20
N VAL A 59 -42.55 36.77 10.64
CA VAL A 59 -43.38 35.71 10.17
C VAL A 59 -44.10 35.15 11.35
N VAL A 60 -45.42 35.21 11.30
CA VAL A 60 -46.27 34.51 12.25
C VAL A 60 -46.61 33.13 11.72
N ASP A 61 -46.36 32.10 12.52
CA ASP A 61 -46.60 30.74 12.13
C ASP A 61 -47.61 30.13 13.07
N PHE A 62 -48.82 29.91 12.58
CA PHE A 62 -49.90 29.47 13.44
C PHE A 62 -49.81 27.97 13.66
N TYR A 63 -49.47 27.26 12.59
CA TYR A 63 -49.19 25.83 12.69
C TYR A 63 -48.21 25.53 13.81
N LYS A 64 -47.18 26.34 13.94
CA LYS A 64 -46.16 26.12 14.96
C LYS A 64 -46.45 26.83 16.29
N GLN A 65 -47.28 27.87 16.30
N GLN A 65 -47.26 27.85 16.36
CA GLN A 65 -47.47 28.82 17.42
CA GLN A 65 -47.44 28.78 17.50
C GLN A 65 -46.15 29.54 17.76
C GLN A 65 -46.14 29.53 17.80
N GLU A 66 -45.63 30.32 16.79
CA GLU A 66 -44.30 30.94 16.80
C GLU A 66 -44.29 32.24 16.02
N VAL A 67 -43.53 33.21 16.50
CA VAL A 67 -43.13 34.35 15.69
C VAL A 67 -41.63 34.29 15.38
N PHE A 68 -41.30 34.43 14.09
CA PHE A 68 -39.89 34.52 13.67
C PHE A 68 -39.67 35.85 13.03
N SER A 69 -38.49 36.40 13.23
CA SER A 69 -38.16 37.72 12.72
C SER A 69 -36.87 37.69 11.92
N TYR A 70 -36.74 38.60 10.97
CA TYR A 70 -35.49 38.74 10.20
C TYR A 70 -35.18 40.21 10.08
N ALA A 71 -33.94 40.60 10.32
CA ALA A 71 -33.57 42.00 10.30
C ALA A 71 -32.28 42.28 9.51
N ASN A 72 -32.31 43.28 8.66
CA ASN A 72 -31.07 43.62 8.00
C ASN A 72 -30.90 45.08 7.73
N THR A 73 -29.66 45.47 7.50
CA THR A 73 -29.32 46.82 7.02
C THR A 73 -28.52 46.71 5.71
N GLY A 74 -28.74 47.61 4.77
CA GLY A 74 -27.94 47.64 3.54
C GLY A 74 -26.49 48.06 3.72
N ILE A 75 -25.76 48.23 2.64
CA ILE A 75 -24.43 48.72 2.84
C ILE A 75 -24.43 50.19 2.53
N THR A 76 -23.76 51.01 3.32
CA THR A 76 -23.56 52.43 2.94
C THR A 76 -22.22 52.64 2.28
N THR A 77 -22.29 53.26 1.12
CA THR A 77 -21.11 53.62 0.36
C THR A 77 -21.06 55.13 0.26
N GLU A 78 -19.97 55.73 0.71
CA GLU A 78 -19.85 57.16 0.53
C GLU A 78 -18.88 57.41 -0.61
N LYS A 79 -19.27 58.30 -1.50
CA LYS A 79 -18.45 58.69 -2.64
C LYS A 79 -17.91 60.07 -2.30
N VAL A 80 -16.60 60.18 -2.17
CA VAL A 80 -15.98 61.45 -1.84
C VAL A 80 -15.20 61.95 -3.05
N ILE A 81 -15.50 63.16 -3.51
CA ILE A 81 -14.69 63.76 -4.54
C ILE A 81 -13.75 64.76 -3.87
N SER A 82 -12.45 64.46 -3.95
CA SER A 82 -11.44 65.30 -3.32
C SER A 82 -11.19 66.57 -4.10
N PRO A 83 -10.63 67.58 -3.43
CA PRO A 83 -10.23 68.81 -4.12
C PRO A 83 -9.39 68.47 -5.34
N ASP A 84 -8.38 67.62 -5.16
CA ASP A 84 -7.47 67.20 -6.22
C ASP A 84 -8.21 66.51 -7.39
N GLY A 85 -9.50 66.22 -7.22
CA GLY A 85 -10.32 65.71 -8.30
C GLY A 85 -10.60 64.24 -8.12
N SER A 86 -9.62 63.49 -7.64
CA SER A 86 -9.79 62.06 -7.40
C SER A 86 -11.09 61.69 -6.64
N VAL A 87 -11.73 60.58 -7.00
CA VAL A 87 -12.88 60.06 -6.26
C VAL A 87 -12.58 58.80 -5.43
N ASN A 88 -13.14 58.68 -4.24
CA ASN A 88 -12.82 57.58 -3.33
C ASN A 88 -14.06 57.05 -2.68
N LYS A 89 -14.24 55.73 -2.69
CA LYS A 89 -15.39 55.16 -2.00
C LYS A 89 -14.98 54.52 -0.69
N ARG A 90 -15.91 54.53 0.24
CA ARG A 90 -15.73 53.90 1.53
C ARG A 90 -16.98 53.16 1.86
N THR A 91 -16.81 52.07 2.57
CA THR A 91 -17.88 51.15 2.76
C THR A 91 -18.11 50.92 4.25
N GLY A 92 -19.37 50.95 4.69
CA GLY A 92 -19.69 50.55 6.06
C GLY A 92 -21.06 49.90 6.12
N LYS A 93 -21.37 49.25 7.24
CA LYS A 93 -22.72 48.71 7.43
C LYS A 93 -23.33 49.05 8.82
N ALA A 94 -24.46 49.74 8.81
CA ALA A 94 -25.23 49.97 10.05
C ALA A 94 -25.38 48.72 10.89
N SER A 95 -25.37 48.90 12.21
CA SER A 95 -25.72 47.82 13.14
C SER A 95 -27.18 47.40 12.97
N THR A 96 -27.49 46.16 13.32
CA THR A 96 -28.88 45.69 13.32
C THR A 96 -29.39 45.48 14.74
N GLU A 97 -28.75 46.10 15.73
CA GLU A 97 -29.11 45.90 17.12
C GLU A 97 -30.50 46.41 17.46
N ASN A 98 -30.95 47.41 16.72
CA ASN A 98 -32.20 48.10 17.05
C ASN A 98 -33.26 47.91 15.97
N ILE A 99 -33.16 46.80 15.24
CA ILE A 99 -34.26 46.35 14.42
C ILE A 99 -34.86 45.08 15.04
N VAL A 100 -35.88 45.28 15.86
CA VAL A 100 -36.39 44.20 16.68
C VAL A 100 -37.88 44.01 16.53
N CYS A 101 -38.32 42.88 17.08
CA CYS A 101 -39.68 42.46 17.05
C CYS A 101 -39.98 42.07 18.48
N THR A 102 -40.83 42.86 19.12
CA THR A 102 -40.91 42.84 20.56
C THR A 102 -42.38 42.83 21.03
N ASP A 103 -42.59 42.46 22.30
CA ASP A 103 -43.92 42.45 22.93
C ASP A 103 -44.88 41.50 22.25
N ILE A 104 -44.42 40.27 21.99
CA ILE A 104 -45.24 39.25 21.37
C ILE A 104 -46.21 38.77 22.43
N VAL A 105 -47.50 38.87 22.15
CA VAL A 105 -48.53 38.40 23.06
C VAL A 105 -49.58 37.53 22.37
N TRP A 106 -49.79 36.32 22.90
CA TRP A 106 -50.73 35.37 22.31
C TRP A 106 -52.12 35.37 22.98
N ASN A 107 -53.15 35.12 22.17
CA ASN A 107 -54.51 34.88 22.66
C ASN A 107 -55.15 33.70 21.89
N SER A 108 -56.46 33.47 22.06
CA SER A 108 -57.17 32.36 21.35
C SER A 108 -57.17 32.48 19.82
N GLY A 109 -57.39 33.71 19.31
CA GLY A 109 -57.55 33.95 17.88
C GLY A 109 -56.56 34.93 17.28
N GLY A 110 -55.27 34.72 17.58
CA GLY A 110 -54.21 35.58 17.05
C GLY A 110 -53.06 35.95 17.97
N VAL A 111 -52.23 36.84 17.45
CA VAL A 111 -51.05 37.31 18.16
C VAL A 111 -50.87 38.78 17.84
N GLN A 112 -50.27 39.53 18.75
CA GLN A 112 -49.77 40.86 18.43
C GLN A 112 -48.34 41.09 18.93
N PHE A 113 -47.70 42.10 18.37
CA PHE A 113 -46.30 42.36 18.58
C PHE A 113 -46.02 43.75 18.02
N LYS A 114 -44.91 44.35 18.43
CA LYS A 114 -44.49 45.57 17.77
C LYS A 114 -43.21 45.31 16.97
N SER A 116 -40.08 47.40 15.52
CA SER A 116 -39.39 48.69 15.55
C SER A 116 -38.03 48.60 14.95
N ALA A 117 -37.71 49.64 14.18
CA ALA A 117 -36.46 49.78 13.47
C ALA A 117 -35.86 51.14 13.74
N SER A 118 -34.60 51.13 14.11
CA SER A 118 -33.83 52.35 14.20
C SER A 118 -32.46 52.05 13.61
N ALA A 119 -32.11 52.69 12.51
CA ALA A 119 -30.75 52.50 11.99
C ALA A 119 -30.16 53.81 11.54
N SER A 120 -28.94 54.07 11.97
CA SER A 120 -28.23 55.31 11.60
C SER A 120 -27.31 55.09 10.42
N ASN A 121 -26.57 56.09 10.02
CA ASN A 121 -25.63 55.92 8.91
C ASN A 121 -24.23 55.73 9.49
N PRO A 122 -23.63 54.54 9.33
CA PRO A 122 -22.39 54.24 10.01
C PRO A 122 -21.23 55.15 9.60
N LEU A 123 -21.32 55.79 8.44
CA LEU A 123 -20.16 56.57 7.96
C LEU A 123 -20.29 58.08 8.14
N ASN A 124 -21.46 58.53 8.56
CA ASN A 124 -21.68 59.92 8.94
C ASN A 124 -22.44 59.98 10.26
N VAL A 125 -21.74 60.29 11.34
CA VAL A 125 -22.32 60.12 12.69
C VAL A 125 -23.25 61.27 13.06
N TYR A 126 -22.99 62.44 12.47
CA TYR A 126 -23.86 63.60 12.59
C TYR A 126 -25.34 63.33 12.21
N ALA A 127 -25.57 62.25 11.48
CA ALA A 127 -26.90 61.87 11.01
C ALA A 127 -27.76 61.19 12.11
N PRO A 128 -29.02 61.64 12.22
CA PRO A 128 -29.96 60.98 13.16
C PRO A 128 -30.43 59.68 12.51
N PRO A 129 -30.79 58.64 13.30
CA PRO A 129 -31.27 57.38 12.66
C PRO A 129 -32.65 57.46 11.95
N VAL A 130 -32.90 56.66 10.90
CA VAL A 130 -34.31 56.37 10.47
C VAL A 130 -35.05 55.54 11.50
N ASP A 131 -36.32 55.86 11.70
CA ASP A 131 -37.13 55.14 12.65
C ASP A 131 -38.50 54.86 12.07
N TYR A 132 -39.01 53.64 12.31
CA TYR A 132 -40.44 53.38 12.28
C TYR A 132 -40.80 52.46 13.45
N VAL A 133 -42.03 52.53 13.90
CA VAL A 133 -42.55 51.44 14.71
C VAL A 133 -43.97 51.10 14.30
N LEU A 134 -44.24 49.80 14.14
CA LEU A 134 -45.60 49.35 13.89
C LEU A 134 -46.10 48.44 14.99
N ASN A 135 -47.34 48.70 15.42
CA ASN A 135 -48.07 47.79 16.28
C ASN A 135 -48.99 47.01 15.40
N VAL A 136 -48.71 45.71 15.31
CA VAL A 136 -49.45 44.87 14.40
C VAL A 136 -50.10 43.75 15.15
N CYS A 137 -51.35 43.53 14.79
CA CYS A 137 -52.17 42.53 15.35
C CYS A 137 -52.58 41.61 14.19
N VAL A 138 -52.35 40.30 14.34
CA VAL A 138 -52.70 39.28 13.32
C VAL A 138 -53.73 38.26 13.87
N LYS A 139 -54.82 38.03 13.15
CA LYS A 139 -55.80 37.05 13.60
C LYS A 139 -55.67 35.75 12.80
N LYS A 140 -56.05 34.65 13.44
CA LYS A 140 -55.99 33.29 12.85
C LYS A 140 -56.62 33.22 11.48
N ASP A 141 -57.66 34.03 11.26
CA ASP A 141 -58.38 34.11 9.98
C ASP A 141 -57.45 34.54 8.82
N GLY A 142 -56.46 35.38 9.15
CA GLY A 142 -55.50 35.90 8.19
C GLY A 142 -55.41 37.42 8.17
N SER A 143 -56.48 38.13 8.51
CA SER A 143 -56.47 39.60 8.34
C SER A 143 -55.61 40.32 9.39
N ILE A 144 -55.11 41.50 9.04
CA ILE A 144 -54.20 42.20 9.92
C ILE A 144 -54.64 43.61 10.24
N ASP A 145 -54.07 44.13 11.32
CA ASP A 145 -54.46 45.42 11.87
C ASP A 145 -53.22 46.20 12.37
N VAL A 146 -52.80 47.23 11.65
CA VAL A 146 -51.50 47.89 11.93
C VAL A 146 -51.60 49.38 12.30
N GLN A 147 -50.83 49.78 13.33
CA GLN A 147 -50.66 51.20 13.72
C GLN A 147 -49.21 51.57 13.53
N GLY A 148 -48.93 52.40 12.53
CA GLY A 148 -47.55 52.72 12.23
C GLY A 148 -47.21 54.16 12.44
N GLU A 149 -45.96 54.40 12.79
CA GLU A 149 -45.38 55.72 12.73
C GLU A 149 -44.04 55.61 12.02
N HIS A 150 -43.59 56.65 11.33
CA HIS A 150 -42.23 56.66 10.74
C HIS A 150 -41.71 58.04 10.45
N ASP A 151 -40.37 58.21 10.49
CA ASP A 151 -39.73 59.46 10.03
C ASP A 151 -40.15 59.73 8.59
N GLY A 152 -40.21 61.01 8.21
CA GLY A 152 -40.72 61.45 6.89
C GLY A 152 -39.84 61.16 5.67
N PHE A 153 -38.72 60.50 5.91
CA PHE A 153 -37.73 60.26 4.88
C PHE A 153 -36.92 59.02 5.28
N PRO A 154 -36.51 58.16 4.30
CA PRO A 154 -36.69 58.23 2.85
C PRO A 154 -38.03 57.64 2.41
N CYS A 155 -38.02 56.62 1.55
CA CYS A 155 -39.26 55.90 1.24
C CYS A 155 -39.51 54.71 2.18
N PHE A 156 -40.78 54.42 2.44
CA PHE A 156 -41.16 53.28 3.29
C PHE A 156 -42.16 52.41 2.57
N GLU A 157 -42.03 51.10 2.71
CA GLU A 157 -43.04 50.19 2.15
C GLU A 157 -43.27 49.02 3.08
N PHE A 158 -44.54 48.65 3.22
CA PHE A 158 -44.93 47.54 4.08
C PHE A 158 -45.90 46.64 3.33
N TYR A 159 -45.69 45.32 3.42
CA TYR A 159 -46.53 44.35 2.74
C TYR A 159 -46.83 43.18 3.62
N LYS A 160 -47.95 42.53 3.35
CA LYS A 160 -48.26 41.26 4.01
C LYS A 160 -48.35 40.19 2.94
N GLN A 161 -48.00 38.96 3.31
CA GLN A 161 -48.02 37.83 2.39
C GLN A 161 -48.42 36.62 3.17
N VAL A 162 -49.42 35.90 2.70
CA VAL A 162 -50.03 34.92 3.56
C VAL A 162 -50.08 33.57 2.86
N ASP A 163 -49.59 32.53 3.55
CA ASP A 163 -49.58 31.16 3.03
C ASP A 163 -48.92 31.13 1.67
N PHE A 164 -47.76 31.78 1.58
CA PHE A 164 -46.92 31.71 0.37
C PHE A 164 -47.53 32.27 -0.91
N GLY A 165 -48.66 32.96 -0.79
CA GLY A 165 -49.32 33.59 -1.92
C GLY A 165 -48.69 34.92 -2.33
N PRO A 166 -49.47 35.73 -3.06
CA PRO A 166 -48.87 36.94 -3.62
C PRO A 166 -48.86 38.00 -2.54
N PHE A 167 -48.05 39.05 -2.73
CA PHE A 167 -47.90 40.11 -1.77
C PHE A 167 -49.04 41.14 -1.86
N GLU A 168 -49.39 41.74 -0.73
CA GLU A 168 -50.39 42.80 -0.71
C GLU A 168 -49.82 44.06 -0.05
N LYS A 169 -50.06 45.21 -0.68
CA LYS A 169 -49.60 46.48 -0.12
C LYS A 169 -50.33 46.85 1.16
N ILE A 170 -49.57 47.05 2.24
CA ILE A 170 -50.13 47.57 3.49
C ILE A 170 -50.13 49.10 3.47
N TYR A 171 -48.96 49.69 3.27
CA TYR A 171 -48.79 51.14 3.29
C TYR A 171 -47.43 51.51 2.69
N THR A 172 -47.41 52.59 1.90
CA THR A 172 -46.18 53.12 1.35
C THR A 172 -46.06 54.60 1.63
N HIS A 173 -44.85 55.11 1.82
CA HIS A 173 -44.60 56.55 1.92
C HIS A 173 -43.53 56.96 0.93
N ASP A 174 -43.87 57.94 0.09
CA ASP A 174 -42.95 58.41 -0.93
C ASP A 174 -42.55 59.85 -0.65
N PHE A 175 -41.34 60.05 -0.11
CA PHE A 175 -40.94 61.38 0.32
C PHE A 175 -40.95 62.41 -0.81
N ARG A 176 -40.53 61.98 -1.99
CA ARG A 176 -40.48 62.90 -3.12
C ARG A 176 -41.86 63.30 -3.65
N GLU A 177 -42.89 62.51 -3.36
CA GLU A 177 -44.28 62.93 -3.60
C GLU A 177 -44.88 63.75 -2.48
N THR A 178 -44.16 63.89 -1.38
CA THR A 178 -44.74 64.29 -0.11
C THR A 178 -44.18 65.62 0.37
N GLY A 179 -43.11 66.05 -0.28
CA GLY A 179 -42.44 67.29 0.04
C GLY A 179 -41.31 67.15 1.05
N ASP A 180 -41.05 65.93 1.52
CA ASP A 180 -40.14 65.75 2.66
C ASP A 180 -38.69 65.62 2.24
N THR A 181 -37.79 65.78 3.21
CA THR A 181 -36.35 65.71 2.93
C THR A 181 -35.59 65.08 4.09
N ALA A 182 -34.29 64.83 3.90
CA ALA A 182 -33.47 64.14 4.93
C ALA A 182 -33.50 64.85 6.29
N ALA A 183 -33.94 66.10 6.30
CA ALA A 183 -34.18 66.80 7.55
C ALA A 183 -35.13 65.97 8.42
N ALA A 184 -36.06 65.29 7.77
CA ALA A 184 -37.18 64.64 8.45
C ALA A 184 -36.74 63.40 9.22
N LEU A 185 -35.45 63.14 9.22
CA LEU A 185 -34.89 61.96 9.81
C LEU A 185 -34.60 62.24 11.24
N GLY A 186 -34.35 63.49 11.55
CA GLY A 186 -34.22 63.96 12.92
C GLY A 186 -35.61 64.09 13.54
N GLY A 187 -35.70 64.78 14.66
CA GLY A 187 -36.98 64.99 15.34
C GLY A 187 -37.54 63.68 15.86
N ASN A 188 -38.86 63.64 16.04
CA ASN A 188 -39.56 62.38 16.25
C ASN A 188 -40.30 61.94 14.98
N ASP A 190 -42.57 61.80 12.31
CA ASP A 190 -43.51 62.84 11.91
C ASP A 190 -44.82 62.26 11.38
N TYR A 191 -44.76 61.12 10.71
CA TYR A 191 -45.94 60.52 10.09
C TYR A 191 -46.55 59.43 10.95
N SER A 192 -47.83 59.13 10.71
CA SER A 192 -48.43 57.89 11.20
C SER A 192 -49.51 57.37 10.26
N PHE A 193 -49.90 56.10 10.42
CA PHE A 193 -50.99 55.53 9.61
C PHE A 193 -51.72 54.38 10.32
N THR A 194 -52.94 54.11 9.84
CA THR A 194 -53.77 53.00 10.28
C THR A 194 -54.14 52.19 9.06
N LYS A 195 -54.09 50.87 9.19
CA LYS A 195 -54.47 50.04 8.07
C LYS A 195 -54.97 48.67 8.49
N ARG A 196 -56.19 48.37 8.05
CA ARG A 196 -56.75 47.03 8.15
C ARG A 196 -56.79 46.38 6.77
N LEU A 197 -56.12 45.23 6.66
CA LEU A 197 -56.19 44.37 5.48
C LEU A 197 -56.95 43.05 5.75
N THR B 5 -30.75 44.96 -17.76
CA THR B 5 -30.79 43.98 -16.62
C THR B 5 -29.84 44.28 -15.45
N ASN B 6 -30.40 44.52 -14.25
CA ASN B 6 -29.59 44.97 -13.11
C ASN B 6 -29.35 43.91 -12.05
N ILE B 7 -30.46 43.34 -11.60
CA ILE B 7 -30.46 42.47 -10.47
C ILE B 7 -30.82 41.09 -10.97
N ILE B 8 -29.98 40.10 -10.69
CA ILE B 8 -30.46 38.74 -10.85
C ILE B 8 -30.19 37.83 -9.62
N LYS B 9 -31.21 37.11 -9.19
CA LYS B 9 -31.22 36.37 -7.93
C LYS B 9 -31.47 34.87 -8.12
N ILE B 10 -30.71 34.06 -7.39
CA ILE B 10 -30.79 32.61 -7.43
C ILE B 10 -31.11 32.19 -6.02
N ARG B 11 -32.19 31.43 -5.85
CA ARG B 11 -32.63 31.02 -4.52
C ARG B 11 -32.55 29.49 -4.38
N ALA B 12 -32.09 29.00 -3.24
CA ALA B 12 -31.96 27.57 -3.03
C ALA B 12 -32.66 27.19 -1.76
N SER B 13 -33.48 26.15 -1.82
CA SER B 13 -34.08 25.70 -0.60
C SER B 13 -33.95 24.20 -0.42
N VAL B 14 -33.58 23.77 0.79
CA VAL B 14 -33.70 22.37 1.16
C VAL B 14 -34.75 22.24 2.26
N PHE B 15 -35.76 21.41 2.02
CA PHE B 15 -36.81 21.28 3.01
C PHE B 15 -37.33 19.86 3.04
N ILE B 16 -37.93 19.48 4.17
CA ILE B 16 -38.62 18.20 4.33
C ILE B 16 -40.12 18.50 4.28
N PRO B 17 -40.82 17.98 3.28
CA PRO B 17 -42.20 18.36 3.13
C PRO B 17 -43.13 17.85 4.24
N SER B 19 -44.65 16.86 8.21
CA SER B 19 -44.56 17.60 9.47
C SER B 19 -43.55 17.02 10.45
N TRP B 20 -43.40 15.69 10.36
CA TRP B 20 -42.42 14.98 11.14
C TRP B 20 -41.76 13.99 10.22
N THR B 21 -40.48 13.73 10.46
CA THR B 21 -39.80 12.61 9.83
C THR B 21 -40.42 11.30 10.29
N GLU B 22 -40.26 10.27 9.46
CA GLU B 22 -40.77 8.94 9.80
C GLU B 22 -40.17 8.47 11.11
N ALA B 23 -40.98 7.79 11.90
CA ALA B 23 -40.61 7.35 13.23
C ALA B 23 -39.35 6.49 13.22
N LYS B 24 -38.54 6.62 14.26
CA LYS B 24 -37.48 5.64 14.50
C LYS B 24 -37.65 5.04 15.90
N ASP B 26 -36.78 2.37 18.97
CA ASP B 26 -35.63 1.73 19.53
C ASP B 26 -36.14 0.73 20.55
N GLU B 28 -34.53 -1.05 22.20
CA GLU B 28 -33.52 -0.90 23.31
C GLU B 28 -34.03 -0.03 24.45
N THR B 29 -34.81 1.01 24.11
CA THR B 29 -35.42 1.92 25.07
C THR B 29 -36.98 2.05 25.07
N GLY B 30 -37.72 1.22 24.30
CA GLY B 30 -39.17 1.45 23.97
C GLY B 30 -39.52 2.78 23.22
N GLN B 31 -38.53 3.65 23.02
CA GLN B 31 -38.77 5.00 22.52
C GLN B 31 -38.94 5.21 21.02
N VAL B 32 -39.80 6.15 20.66
CA VAL B 32 -39.96 6.57 19.28
C VAL B 32 -39.37 7.95 19.16
N ILE B 33 -38.51 8.15 18.17
CA ILE B 33 -37.89 9.46 17.95
C ILE B 33 -38.35 9.97 16.58
N GLN B 34 -38.59 11.28 16.48
CA GLN B 34 -38.72 11.94 15.18
C GLN B 34 -38.45 13.43 15.19
N PHE B 35 -37.93 13.94 14.07
CA PHE B 35 -37.58 15.35 13.89
C PHE B 35 -38.66 16.17 13.16
N GLU B 36 -38.74 17.47 13.43
CA GLU B 36 -39.75 18.29 12.83
C GLU B 36 -39.47 18.56 11.37
N GLY B 37 -40.51 18.43 10.54
CA GLY B 37 -40.47 18.78 9.11
C GLY B 37 -40.80 20.22 8.81
N ASP B 38 -41.07 20.50 7.55
CA ASP B 38 -41.27 21.88 7.12
C ASP B 38 -42.63 22.06 6.62
N SER B 39 -43.33 20.94 6.48
CA SER B 39 -44.76 20.95 6.43
C SER B 39 -45.29 21.87 5.30
N ARG B 40 -44.96 21.54 4.06
CA ARG B 40 -44.92 22.51 3.00
C ARG B 40 -44.78 21.74 1.73
N GLU B 41 -45.27 22.33 0.65
CA GLU B 41 -44.91 21.86 -0.68
C GLU B 41 -43.93 22.82 -1.39
N PHE B 42 -43.51 22.49 -2.60
CA PHE B 42 -42.59 23.34 -3.33
C PHE B 42 -43.13 24.77 -3.52
N THR B 43 -42.34 25.76 -3.14
CA THR B 43 -42.72 27.15 -3.34
C THR B 43 -41.50 28.06 -3.32
N PRO B 44 -41.53 29.12 -4.13
CA PRO B 44 -40.43 30.09 -4.16
C PRO B 44 -40.46 31.01 -2.94
N HIS B 45 -41.64 31.17 -2.35
CA HIS B 45 -41.90 32.30 -1.47
C HIS B 45 -41.67 31.98 0.01
N ALA B 46 -40.74 31.08 0.29
CA ALA B 46 -40.60 30.54 1.64
C ALA B 46 -39.39 31.15 2.34
N VAL B 47 -39.04 32.37 1.97
CA VAL B 47 -37.87 33.02 2.55
C VAL B 47 -38.14 33.56 3.95
N ASN B 48 -37.23 33.31 4.88
CA ASN B 48 -37.32 33.89 6.22
C ASN B 48 -38.45 33.28 7.04
N THR B 49 -38.92 32.13 6.58
CA THR B 49 -40.19 31.59 7.04
C THR B 49 -39.92 30.44 8.01
N ARG B 51 -39.28 27.47 7.21
CA ARG B 51 -39.76 26.22 6.63
C ARG B 51 -38.75 25.65 5.64
N SER B 52 -37.48 25.67 6.04
CA SER B 52 -36.44 24.94 5.33
C SER B 52 -35.41 24.40 6.30
N ARG B 53 -34.80 23.28 5.94
CA ARG B 53 -33.59 22.85 6.60
C ARG B 53 -32.47 23.81 6.26
N VAL B 54 -32.34 24.14 4.98
CA VAL B 54 -31.28 25.02 4.51
C VAL B 54 -31.87 26.01 3.49
N GLU B 55 -31.43 27.26 3.55
CA GLU B 55 -31.89 28.32 2.67
C GLU B 55 -30.70 29.10 2.20
N GLN B 56 -30.67 29.45 0.92
CA GLN B 56 -29.60 30.31 0.38
C GLN B 56 -30.04 31.14 -0.80
N GLU B 57 -29.61 32.40 -0.83
CA GLU B 57 -29.90 33.28 -1.95
C GLU B 57 -28.63 33.96 -2.37
N VAL B 58 -28.29 33.88 -3.64
CA VAL B 58 -27.17 34.66 -4.13
C VAL B 58 -27.72 35.67 -5.11
N VAL B 59 -27.29 36.91 -4.96
CA VAL B 59 -27.79 38.02 -5.78
C VAL B 59 -26.68 38.71 -6.52
N VAL B 60 -26.75 38.68 -7.85
CA VAL B 60 -25.76 39.40 -8.63
C VAL B 60 -26.33 40.70 -9.14
N ASP B 61 -25.57 41.74 -8.86
CA ASP B 61 -25.99 43.09 -9.10
C ASP B 61 -25.11 43.68 -10.18
N PHE B 62 -25.61 43.72 -11.39
CA PHE B 62 -24.82 44.20 -12.51
C PHE B 62 -24.70 45.71 -12.50
N TYR B 63 -25.65 46.38 -11.89
CA TYR B 63 -25.54 47.81 -11.76
C TYR B 63 -24.38 48.20 -10.85
N LYS B 64 -24.29 47.60 -9.66
CA LYS B 64 -23.22 47.87 -8.71
C LYS B 64 -21.94 47.08 -8.99
N GLN B 65 -22.04 46.09 -9.88
CA GLN B 65 -21.00 45.06 -10.11
C GLN B 65 -20.52 44.30 -8.87
N GLU B 66 -21.42 43.54 -8.24
CA GLU B 66 -21.26 42.98 -6.89
C GLU B 66 -22.02 41.69 -6.73
N VAL B 67 -21.51 40.80 -5.88
CA VAL B 67 -22.27 39.60 -5.50
C VAL B 67 -22.61 39.61 -4.02
N PHE B 68 -23.86 39.29 -3.68
CA PHE B 68 -24.34 39.23 -2.29
C PHE B 68 -24.95 37.88 -1.99
N SER B 69 -24.87 37.43 -0.76
CA SER B 69 -25.49 36.15 -0.41
C SER B 69 -26.05 36.08 0.97
N TYR B 70 -27.12 35.33 1.11
CA TYR B 70 -27.76 35.18 2.38
C TYR B 70 -27.81 33.71 2.61
N ALA B 71 -27.48 33.27 3.83
CA ALA B 71 -27.51 31.85 4.16
C ALA B 71 -28.25 31.65 5.43
N ASN B 72 -29.03 30.59 5.55
CA ASN B 72 -29.69 30.31 6.79
C ASN B 72 -30.09 28.87 6.96
N THR B 73 -30.27 28.46 8.21
CA THR B 73 -30.72 27.08 8.55
C THR B 73 -31.99 27.12 9.39
N GLY B 74 -32.78 26.06 9.34
CA GLY B 74 -33.97 26.00 10.17
C GLY B 74 -33.66 25.61 11.60
N ILE B 75 -34.67 25.65 12.47
CA ILE B 75 -34.50 25.09 13.79
C ILE B 75 -34.75 23.59 13.69
N THR B 76 -33.95 22.79 14.40
CA THR B 76 -34.14 21.35 14.53
C THR B 76 -34.88 21.05 15.86
N THR B 77 -35.94 20.27 15.77
CA THR B 77 -36.71 19.94 16.95
C THR B 77 -36.85 18.45 16.98
N GLU B 78 -36.46 17.80 18.08
CA GLU B 78 -36.67 16.38 18.12
C GLU B 78 -37.79 16.06 19.11
N LYS B 79 -38.69 15.17 18.74
CA LYS B 79 -39.77 14.77 19.58
C LYS B 79 -39.48 13.36 20.06
N VAL B 80 -39.55 13.10 21.34
CA VAL B 80 -39.33 11.73 21.80
C VAL B 80 -40.55 11.22 22.55
N ILE B 81 -41.19 10.17 22.05
CA ILE B 81 -42.28 9.55 22.78
C ILE B 81 -41.70 8.42 23.58
N SER B 82 -42.05 8.36 24.87
CA SER B 82 -41.55 7.33 25.80
C SER B 82 -42.57 6.24 25.97
N PRO B 83 -42.22 5.14 26.63
CA PRO B 83 -43.14 4.02 26.69
C PRO B 83 -44.32 4.26 27.58
N ASP B 84 -44.47 5.45 28.10
CA ASP B 84 -45.57 5.68 28.97
C ASP B 84 -46.48 6.77 28.40
N GLY B 85 -46.13 7.22 27.19
CA GLY B 85 -46.94 8.19 26.48
C GLY B 85 -46.53 9.63 26.63
N SER B 86 -45.42 9.90 27.32
CA SER B 86 -44.92 11.30 27.44
C SER B 86 -44.15 11.70 26.19
N VAL B 87 -44.17 12.98 25.86
CA VAL B 87 -43.37 13.46 24.78
C VAL B 87 -42.36 14.48 25.30
N ASN B 88 -41.31 14.73 24.53
CA ASN B 88 -40.27 15.68 24.90
C ASN B 88 -39.59 16.21 23.70
N LYS B 89 -39.55 17.51 23.60
CA LYS B 89 -38.85 18.15 22.53
C LYS B 89 -37.56 18.67 23.03
N ARG B 90 -36.55 18.66 22.19
CA ARG B 90 -35.32 19.40 22.40
C ARG B 90 -35.18 20.23 21.16
N THR B 91 -34.27 21.18 21.17
CA THR B 91 -34.17 22.16 20.12
C THR B 91 -32.72 22.58 19.81
N GLY B 92 -32.39 22.74 18.54
CA GLY B 92 -31.06 23.17 18.16
C GLY B 92 -31.09 23.91 16.84
N LYS B 93 -30.02 24.62 16.51
CA LYS B 93 -29.95 25.26 15.23
C LYS B 93 -28.60 25.03 14.63
N ALA B 94 -28.58 24.46 13.44
CA ALA B 94 -27.37 24.13 12.71
C ALA B 94 -26.56 25.35 12.37
N SER B 95 -25.24 25.20 12.46
CA SER B 95 -24.36 26.29 12.07
C SER B 95 -24.54 26.58 10.57
N THR B 96 -24.26 27.80 10.15
CA THR B 96 -24.40 28.12 8.72
C THR B 96 -23.03 28.44 8.11
N GLU B 97 -21.97 28.02 8.81
N GLU B 97 -21.98 28.05 8.83
CA GLU B 97 -20.59 28.39 8.48
CA GLU B 97 -20.61 28.40 8.44
C GLU B 97 -20.11 27.71 7.19
C GLU B 97 -20.28 27.87 7.05
N ASN B 98 -20.88 26.73 6.71
CA ASN B 98 -20.56 25.99 5.49
C ASN B 98 -21.60 26.15 4.40
N ILE B 99 -22.36 27.23 4.45
CA ILE B 99 -23.28 27.55 3.38
C ILE B 99 -22.72 28.81 2.76
N VAL B 100 -22.05 28.64 1.65
CA VAL B 100 -21.19 29.69 1.19
C VAL B 100 -21.34 29.94 -0.30
N CYS B 101 -20.89 31.13 -0.67
CA CYS B 101 -20.80 31.57 -2.02
C CYS B 101 -19.33 31.87 -2.32
N THR B 102 -18.81 31.28 -3.37
CA THR B 102 -17.38 31.13 -3.44
C THR B 102 -16.91 31.13 -4.89
N ASP B 103 -15.62 31.38 -5.11
CA ASP B 103 -15.04 31.40 -6.45
C ASP B 103 -15.76 32.30 -7.43
N ILE B 104 -16.06 33.51 -6.95
CA ILE B 104 -16.65 34.56 -7.75
C ILE B 104 -15.63 35.05 -8.78
N VAL B 105 -16.00 34.91 -10.04
CA VAL B 105 -15.14 35.34 -11.14
C VAL B 105 -15.95 36.10 -12.21
N TRP B 106 -15.61 37.39 -12.38
CA TRP B 106 -16.22 38.28 -13.36
C TRP B 106 -15.59 38.11 -14.77
N ASN B 107 -16.42 37.82 -15.78
CA ASN B 107 -15.97 37.80 -17.18
C ASN B 107 -16.49 39.09 -17.79
N SER B 108 -16.06 39.40 -19.02
CA SER B 108 -16.58 40.55 -19.74
C SER B 108 -18.13 40.52 -19.85
N GLY B 109 -18.66 39.30 -20.00
CA GLY B 109 -20.06 39.07 -20.33
C GLY B 109 -20.96 38.78 -19.16
N GLY B 110 -20.36 38.49 -18.01
CA GLY B 110 -21.16 38.16 -16.82
C GLY B 110 -20.29 37.84 -15.63
N VAL B 111 -20.69 36.80 -14.89
CA VAL B 111 -19.97 36.41 -13.70
C VAL B 111 -20.25 34.96 -13.34
N GLN B 112 -19.22 34.24 -12.90
CA GLN B 112 -19.38 32.88 -12.39
C GLN B 112 -19.19 32.87 -10.89
N PHE B 113 -19.73 31.84 -10.25
CA PHE B 113 -19.52 31.62 -8.83
C PHE B 113 -20.08 30.26 -8.39
N LYS B 114 -19.79 29.88 -7.15
CA LYS B 114 -20.07 28.56 -6.67
C LYS B 114 -20.82 28.62 -5.33
N SER B 116 -22.17 26.50 -2.54
CA SER B 116 -22.19 25.19 -1.91
C SER B 116 -22.81 25.25 -0.50
N ALA B 117 -23.55 24.20 -0.12
CA ALA B 117 -24.25 24.16 1.17
C ALA B 117 -23.97 22.85 1.83
N SER B 118 -23.71 22.92 3.12
CA SER B 118 -23.56 21.74 3.95
C SER B 118 -24.08 21.98 5.37
N ALA B 119 -25.11 21.26 5.78
CA ALA B 119 -25.64 21.41 7.12
C ALA B 119 -25.73 20.06 7.86
N SER B 120 -25.38 20.06 9.14
CA SER B 120 -25.56 18.87 9.99
C SER B 120 -26.84 18.96 10.79
N ASN B 121 -27.22 17.85 11.42
CA ASN B 121 -28.14 17.89 12.54
C ASN B 121 -27.40 18.26 13.82
N PRO B 122 -27.83 19.33 14.48
CA PRO B 122 -27.14 19.81 15.68
C PRO B 122 -27.36 18.88 16.86
N LEU B 123 -28.20 17.88 16.69
CA LEU B 123 -28.60 17.00 17.79
C LEU B 123 -27.97 15.60 17.66
N ASN B 124 -27.33 15.35 16.53
N ASN B 124 -27.33 15.31 16.52
CA ASN B 124 -26.39 14.23 16.41
CA ASN B 124 -26.39 14.17 16.43
C ASN B 124 -25.16 14.62 15.61
C ASN B 124 -25.16 14.55 15.61
N VAL B 125 -24.07 14.88 16.31
CA VAL B 125 -22.80 15.24 15.66
C VAL B 125 -22.34 14.23 14.58
N TYR B 126 -22.75 12.97 14.75
CA TYR B 126 -22.26 11.91 13.87
C TYR B 126 -23.24 11.60 12.75
N ALA B 127 -24.42 12.24 12.80
CA ALA B 127 -25.34 12.22 11.63
C ALA B 127 -24.77 13.02 10.45
N PRO B 128 -25.00 12.52 9.23
CA PRO B 128 -24.40 13.04 7.99
C PRO B 128 -25.06 14.33 7.52
N PRO B 129 -24.24 15.29 7.08
CA PRO B 129 -24.74 16.53 6.55
C PRO B 129 -25.51 16.34 5.25
N VAL B 130 -26.44 17.25 4.96
CA VAL B 130 -27.06 17.32 3.64
C VAL B 130 -26.25 18.29 2.79
N ASP B 131 -26.00 17.92 1.52
CA ASP B 131 -25.03 18.62 0.72
C ASP B 131 -25.58 19.00 -0.65
N TYR B 132 -25.24 20.19 -1.13
CA TYR B 132 -25.43 20.53 -2.54
C TYR B 132 -24.46 21.61 -2.99
N VAL B 133 -23.86 21.44 -4.16
CA VAL B 133 -23.05 22.52 -4.71
C VAL B 133 -23.54 22.89 -6.10
N LEU B 134 -23.82 24.17 -6.29
CA LEU B 134 -24.16 24.68 -7.60
C LEU B 134 -23.02 25.50 -8.21
N ASN B 135 -22.59 25.08 -9.39
CA ASN B 135 -21.76 25.91 -10.24
C ASN B 135 -22.63 26.72 -11.19
N VAL B 136 -22.66 28.03 -10.98
CA VAL B 136 -23.60 28.85 -11.73
C VAL B 136 -22.92 29.98 -12.47
N CYS B 137 -23.42 30.27 -13.67
CA CYS B 137 -22.81 31.27 -14.50
C CYS B 137 -23.89 32.20 -15.05
N VAL B 138 -23.86 33.45 -14.60
CA VAL B 138 -24.91 34.41 -14.91
C VAL B 138 -24.42 35.42 -15.94
N LYS B 139 -25.21 35.60 -16.99
CA LYS B 139 -24.84 36.49 -18.10
C LYS B 139 -25.55 37.84 -18.00
N LYS B 140 -24.91 38.89 -18.49
CA LYS B 140 -25.42 40.28 -18.36
C LYS B 140 -26.85 40.54 -18.86
N ASP B 141 -27.35 39.67 -19.73
CA ASP B 141 -28.73 39.72 -20.23
C ASP B 141 -29.77 38.91 -19.40
N GLY B 142 -29.37 38.36 -18.26
CA GLY B 142 -30.31 37.61 -17.46
C GLY B 142 -30.23 36.11 -17.66
N SER B 143 -29.63 35.68 -18.76
CA SER B 143 -29.33 34.25 -18.98
C SER B 143 -28.57 33.58 -17.84
N ILE B 144 -29.03 32.41 -17.39
CA ILE B 144 -28.25 31.67 -16.42
C ILE B 144 -27.96 30.27 -16.91
N ASP B 145 -26.88 29.71 -16.40
CA ASP B 145 -26.46 28.40 -16.84
C ASP B 145 -25.86 27.74 -15.62
N VAL B 146 -26.42 26.61 -15.24
CA VAL B 146 -26.26 26.05 -13.89
C VAL B 146 -25.92 24.56 -13.91
N GLN B 147 -24.93 24.16 -13.12
CA GLN B 147 -24.64 22.75 -12.94
C GLN B 147 -24.54 22.39 -11.50
N GLY B 148 -25.47 21.54 -11.07
CA GLY B 148 -25.63 21.19 -9.68
C GLY B 148 -25.43 19.73 -9.35
N GLU B 149 -25.16 19.51 -8.07
CA GLU B 149 -25.17 18.19 -7.47
C GLU B 149 -25.80 18.28 -6.11
N HIS B 150 -26.41 17.20 -5.64
CA HIS B 150 -27.00 17.19 -4.30
C HIS B 150 -27.23 15.80 -3.78
N ASP B 151 -27.31 15.67 -2.46
CA ASP B 151 -27.70 14.41 -1.82
C ASP B 151 -29.13 14.12 -2.29
N GLY B 152 -29.51 12.84 -2.27
CA GLY B 152 -30.80 12.43 -2.76
C GLY B 152 -31.97 12.65 -1.82
N PHE B 153 -31.72 13.28 -0.68
CA PHE B 153 -32.77 13.51 0.32
C PHE B 153 -32.38 14.75 1.13
N PRO B 154 -33.36 15.59 1.58
CA PRO B 154 -34.81 15.61 1.47
C PRO B 154 -35.23 16.17 0.10
N CYS B 155 -36.01 17.25 0.06
CA CYS B 155 -36.36 17.94 -1.19
C CYS B 155 -35.52 19.17 -1.47
N PHE B 156 -35.25 19.43 -2.76
CA PHE B 156 -34.43 20.57 -3.19
C PHE B 156 -35.11 21.38 -4.24
N GLU B 157 -35.03 22.70 -4.12
CA GLU B 157 -35.69 23.59 -5.08
C GLU B 157 -34.76 24.75 -5.37
N PHE B 158 -34.62 25.09 -6.64
CA PHE B 158 -33.79 26.20 -7.07
C PHE B 158 -34.57 27.12 -8.00
N TYR B 159 -34.46 28.44 -7.81
CA TYR B 159 -35.18 29.41 -8.63
C TYR B 159 -34.35 30.62 -9.01
N LYS B 160 -34.54 31.14 -10.22
CA LYS B 160 -33.99 32.45 -10.55
C LYS B 160 -35.11 33.46 -10.55
N GLN B 161 -34.76 34.70 -10.21
CA GLN B 161 -35.69 35.86 -10.27
C GLN B 161 -34.91 37.09 -10.70
N VAL B 162 -35.37 37.73 -11.76
CA VAL B 162 -34.62 38.87 -12.31
C VAL B 162 -35.34 40.22 -12.30
N ASP B 163 -34.67 41.22 -11.73
CA ASP B 163 -35.15 42.60 -11.72
C ASP B 163 -36.52 42.69 -11.06
N PHE B 164 -36.67 41.93 -9.96
CA PHE B 164 -37.89 41.90 -9.15
C PHE B 164 -39.12 41.36 -9.88
N GLY B 165 -38.87 40.73 -11.03
CA GLY B 165 -39.92 40.04 -11.78
C GLY B 165 -40.42 38.80 -11.08
N PRO B 166 -41.20 37.97 -11.79
CA PRO B 166 -41.69 36.71 -11.20
C PRO B 166 -40.55 35.72 -10.96
N PHE B 167 -40.83 34.63 -10.25
CA PHE B 167 -39.88 33.58 -10.02
C PHE B 167 -40.00 32.54 -11.12
N GLU B 168 -38.85 32.00 -11.53
CA GLU B 168 -38.82 30.91 -12.49
C GLU B 168 -38.12 29.70 -11.86
N LYS B 169 -38.69 28.51 -12.07
CA LYS B 169 -38.07 27.27 -11.66
C LYS B 169 -36.73 27.01 -12.39
N ILE B 170 -35.69 26.72 -11.63
CA ILE B 170 -34.43 26.23 -12.20
C ILE B 170 -34.35 24.70 -12.17
N TYR B 171 -34.60 24.12 -10.99
CA TYR B 171 -34.59 22.67 -10.83
C TYR B 171 -35.18 22.29 -9.48
N THR B 172 -35.89 21.17 -9.44
CA THR B 172 -36.45 20.67 -8.19
C THR B 172 -36.14 19.19 -7.99
N HIS B 173 -36.03 18.77 -6.74
CA HIS B 173 -35.89 17.36 -6.43
C HIS B 173 -36.87 16.95 -5.34
N ASP B 174 -37.60 15.88 -5.59
CA ASP B 174 -38.61 15.40 -4.69
C ASP B 174 -38.23 13.98 -4.35
N PHE B 175 -37.75 13.75 -3.14
CA PHE B 175 -37.22 12.42 -2.84
C PHE B 175 -38.31 11.35 -2.93
N ARG B 176 -39.54 11.69 -2.58
CA ARG B 176 -40.56 10.67 -2.65
C ARG B 176 -40.94 10.26 -4.06
N GLU B 177 -40.80 11.15 -5.06
CA GLU B 177 -41.10 10.82 -6.46
C GLU B 177 -40.07 9.88 -7.00
N THR B 178 -38.94 9.88 -6.34
CA THR B 178 -37.73 9.36 -6.91
C THR B 178 -37.27 8.11 -6.11
N GLY B 179 -37.92 7.88 -4.97
CA GLY B 179 -37.68 6.72 -4.12
C GLY B 179 -36.38 6.67 -3.36
N ASP B 180 -36.14 7.64 -2.49
CA ASP B 180 -34.88 7.74 -1.76
C ASP B 180 -35.13 7.81 -0.27
N THR B 181 -34.07 7.65 0.51
CA THR B 181 -34.18 7.52 1.95
C THR B 181 -33.26 8.51 2.67
N ALA B 182 -33.44 8.66 3.98
CA ALA B 182 -32.55 9.50 4.78
C ALA B 182 -31.13 8.95 4.81
N ALA B 183 -30.93 7.80 4.17
CA ALA B 183 -29.59 7.26 3.98
C ALA B 183 -28.89 8.02 2.87
N ALA B 184 -29.67 8.58 1.95
CA ALA B 184 -29.11 9.35 0.86
C ALA B 184 -28.41 10.61 1.35
N LEU B 185 -28.49 10.86 2.66
CA LEU B 185 -27.68 11.92 3.29
C LEU B 185 -26.16 11.67 3.32
N GLY B 186 -25.75 10.44 3.60
CA GLY B 186 -24.36 10.07 3.69
C GLY B 186 -23.79 9.76 2.33
N GLY B 187 -22.54 9.29 2.30
CA GLY B 187 -21.88 8.99 1.04
C GLY B 187 -21.67 10.26 0.25
N ASN B 188 -21.78 10.16 -1.07
CA ASN B 188 -21.55 11.28 -1.98
C ASN B 188 -22.82 11.93 -2.33
N ASP B 190 -25.55 12.26 -4.82
CA ASP B 190 -25.97 11.17 -5.67
C ASP B 190 -26.71 11.65 -6.93
N TYR B 191 -27.07 12.93 -7.00
CA TYR B 191 -27.72 13.47 -8.18
C TYR B 191 -26.97 14.65 -8.75
N SER B 192 -26.95 14.74 -10.06
CA SER B 192 -26.50 15.96 -10.69
C SER B 192 -27.51 16.42 -11.69
N PHE B 193 -27.46 17.70 -12.03
CA PHE B 193 -28.26 18.25 -13.10
C PHE B 193 -27.57 19.47 -13.78
N THR B 194 -28.11 19.82 -14.93
CA THR B 194 -27.62 20.89 -15.73
C THR B 194 -28.87 21.63 -16.26
N LYS B 195 -28.84 22.95 -16.28
CA LYS B 195 -30.01 23.71 -16.74
C LYS B 195 -29.57 25.04 -17.27
N ARG B 196 -30.26 25.49 -18.30
CA ARG B 196 -30.01 26.79 -18.89
C ARG B 196 -31.35 27.47 -19.00
N LEU B 197 -31.47 28.63 -18.35
CA LEU B 197 -32.62 29.54 -18.54
C LEU B 197 -32.23 30.79 -19.32
N THR C 5 11.58 -8.83 37.68
CA THR C 5 10.42 -8.96 36.78
C THR C 5 10.81 -8.74 35.33
N ASN C 6 10.37 -9.63 34.46
CA ASN C 6 10.76 -9.60 33.06
C ASN C 6 9.68 -8.95 32.20
N ILE C 7 8.47 -9.51 32.28
CA ILE C 7 7.40 -9.21 31.35
C ILE C 7 6.14 -8.82 32.11
N ILE C 8 5.57 -7.67 31.74
CA ILE C 8 4.27 -7.26 32.26
C ILE C 8 3.37 -6.87 31.12
N LYS C 9 2.27 -7.60 30.98
CA LYS C 9 1.34 -7.37 29.91
C LYS C 9 0.09 -6.73 30.53
N ILE C 10 -0.39 -5.65 29.91
CA ILE C 10 -1.72 -5.08 30.19
C ILE C 10 -2.67 -5.38 29.02
N ARG C 11 -3.82 -5.97 29.32
CA ARG C 11 -4.80 -6.29 28.32
C ARG C 11 -6.08 -5.47 28.49
N ALA C 12 -6.62 -4.90 27.42
CA ALA C 12 -7.84 -4.13 27.47
C ALA C 12 -8.79 -4.77 26.50
N SER C 13 -10.05 -4.88 26.88
CA SER C 13 -11.02 -5.49 26.00
C SER C 13 -12.35 -4.79 26.12
N VAL C 14 -12.96 -4.51 24.97
CA VAL C 14 -14.28 -3.90 24.94
C VAL C 14 -15.25 -4.82 24.22
N PHE C 15 -16.35 -5.20 24.86
CA PHE C 15 -17.23 -6.15 24.20
C PHE C 15 -18.74 -5.95 24.50
N ILE C 16 -19.60 -6.48 23.61
CA ILE C 16 -21.03 -6.55 23.89
C ILE C 16 -21.33 -7.99 24.29
N PRO C 17 -21.88 -8.18 25.52
CA PRO C 17 -22.03 -9.54 26.04
C PRO C 17 -23.16 -10.31 25.40
N SER C 19 -25.91 -11.66 22.26
CA SER C 19 -25.67 -12.19 20.91
C SER C 19 -26.00 -11.15 19.85
N TRP C 20 -26.79 -10.14 20.22
CA TRP C 20 -27.32 -9.15 19.30
C TRP C 20 -27.57 -7.87 20.04
N THR C 21 -27.30 -6.73 19.43
CA THR C 21 -27.63 -5.48 20.08
C THR C 21 -29.16 -5.36 20.02
N GLU C 22 -29.73 -4.33 20.60
CA GLU C 22 -31.16 -4.29 20.63
C GLU C 22 -31.71 -3.76 19.32
N ALA C 23 -32.89 -4.26 18.94
CA ALA C 23 -33.38 -4.00 17.61
C ALA C 23 -33.74 -2.55 17.46
N LYS C 24 -33.39 -1.96 16.32
CA LYS C 24 -33.92 -0.65 15.97
C LYS C 24 -34.77 -0.86 14.74
N ASP C 26 -36.89 1.28 11.66
CA ASP C 26 -37.03 2.60 11.07
C ASP C 26 -38.26 2.64 10.18
N GLU C 28 -39.31 4.62 7.97
CA GLU C 28 -39.23 5.19 6.62
C GLU C 28 -39.05 4.11 5.61
N THR C 29 -38.38 3.08 6.08
CA THR C 29 -37.73 2.06 5.31
C THR C 29 -38.35 0.67 5.54
N GLY C 30 -38.90 0.44 6.73
CA GLY C 30 -39.54 -0.82 7.12
C GLY C 30 -38.61 -1.83 7.78
N GLN C 31 -37.30 -1.57 7.77
CA GLN C 31 -36.37 -2.56 8.28
C GLN C 31 -36.27 -2.62 9.79
N VAL C 32 -35.88 -3.77 10.29
CA VAL C 32 -35.61 -3.94 11.69
C VAL C 32 -34.16 -4.35 11.68
N ILE C 33 -33.31 -3.70 12.47
CA ILE C 33 -31.86 -3.93 12.43
C ILE C 33 -31.23 -4.32 13.80
N GLN C 34 -30.31 -5.28 13.78
CA GLN C 34 -29.52 -5.65 14.96
C GLN C 34 -28.10 -5.86 14.54
N PHE C 35 -27.16 -5.49 15.42
CA PHE C 35 -25.73 -5.78 15.22
C PHE C 35 -25.32 -6.95 16.07
N GLU C 36 -24.50 -7.82 15.51
CA GLU C 36 -23.99 -8.99 16.24
C GLU C 36 -23.16 -8.62 17.45
N GLY C 37 -23.49 -9.23 18.59
CA GLY C 37 -22.76 -9.01 19.83
C GLY C 37 -21.55 -9.93 19.92
N ASP C 38 -20.98 -10.06 21.12
CA ASP C 38 -19.76 -10.84 21.31
C ASP C 38 -20.07 -12.09 22.11
N SER C 39 -21.28 -12.18 22.63
CA SER C 39 -21.85 -13.46 23.04
C SER C 39 -20.96 -14.18 24.03
N ARG C 40 -20.52 -13.47 25.06
CA ARG C 40 -19.70 -14.06 26.12
C ARG C 40 -19.65 -13.15 27.34
N GLU C 41 -19.13 -13.70 28.44
CA GLU C 41 -19.01 -12.93 29.66
C GLU C 41 -17.62 -12.32 29.78
N PHE C 42 -17.36 -11.63 30.88
CA PHE C 42 -16.01 -11.18 31.20
C PHE C 42 -15.03 -12.35 31.19
N THR C 43 -13.94 -12.23 30.42
CA THR C 43 -12.85 -13.19 30.46
C THR C 43 -11.56 -12.59 29.89
N PRO C 44 -10.42 -12.98 30.47
CA PRO C 44 -9.10 -12.52 29.99
C PRO C 44 -8.60 -13.30 28.79
N HIS C 45 -9.24 -14.44 28.52
CA HIS C 45 -8.71 -15.40 27.57
C HIS C 45 -9.33 -15.27 26.19
N ALA C 46 -9.62 -14.04 25.79
CA ALA C 46 -10.46 -13.80 24.63
C ALA C 46 -9.63 -13.48 23.38
N VAL C 47 -8.32 -13.34 23.55
CA VAL C 47 -7.48 -12.78 22.49
C VAL C 47 -7.64 -13.52 21.15
N ASN C 48 -7.67 -12.75 20.05
CA ASN C 48 -7.69 -13.34 18.71
C ASN C 48 -8.93 -14.17 18.46
N THR C 49 -9.86 -14.08 19.39
CA THR C 49 -11.08 -14.86 19.36
C THR C 49 -12.16 -14.15 18.55
N ARG C 51 -14.01 -11.97 19.61
CA ARG C 51 -15.14 -11.75 20.51
C ARG C 51 -14.95 -10.47 21.33
N SER C 52 -14.45 -9.44 20.67
CA SER C 52 -14.39 -8.11 21.27
C SER C 52 -14.60 -7.07 20.18
N ARG C 53 -15.33 -6.00 20.49
CA ARG C 53 -15.38 -4.84 19.62
C ARG C 53 -13.97 -4.26 19.45
N VAL C 54 -13.24 -4.14 20.57
CA VAL C 54 -11.86 -3.65 20.53
C VAL C 54 -11.02 -4.49 21.48
N GLU C 55 -9.78 -4.81 21.10
CA GLU C 55 -8.85 -5.38 22.05
C GLU C 55 -7.49 -4.77 21.84
N GLN C 56 -6.78 -4.56 22.93
CA GLN C 56 -5.45 -3.99 22.85
C GLN C 56 -4.58 -4.64 23.94
N GLU C 57 -3.34 -4.99 23.61
CA GLU C 57 -2.40 -5.43 24.63
C GLU C 57 -1.08 -4.70 24.50
N VAL C 58 -0.68 -4.01 25.57
CA VAL C 58 0.64 -3.43 25.64
C VAL C 58 1.46 -4.36 26.48
N VAL C 59 2.69 -4.60 26.06
CA VAL C 59 3.56 -5.45 26.81
C VAL C 59 4.86 -4.70 27.08
N VAL C 60 5.24 -4.61 28.35
CA VAL C 60 6.49 -4.00 28.72
C VAL C 60 7.44 -5.06 29.18
N ASP C 61 8.61 -5.01 28.58
CA ASP C 61 9.59 -6.03 28.67
C ASP C 61 10.85 -5.39 29.30
N PHE C 62 11.00 -5.61 30.59
CA PHE C 62 12.04 -4.94 31.32
C PHE C 62 13.39 -5.44 30.91
N TYR C 63 13.43 -6.69 30.48
CA TYR C 63 14.66 -7.32 30.11
C TYR C 63 15.26 -6.68 28.85
N LYS C 64 14.43 -6.45 27.84
CA LYS C 64 14.87 -5.92 26.57
C LYS C 64 14.83 -4.41 26.68
N GLN C 65 14.11 -3.92 27.70
CA GLN C 65 13.72 -2.48 27.89
C GLN C 65 12.97 -1.89 26.71
N GLU C 66 11.77 -2.43 26.45
CA GLU C 66 10.94 -2.10 25.28
C GLU C 66 9.48 -2.25 25.63
N VAL C 67 8.66 -1.38 25.03
CA VAL C 67 7.24 -1.55 25.08
C VAL C 67 6.73 -2.06 23.73
N PHE C 68 5.89 -3.07 23.71
CA PHE C 68 5.27 -3.54 22.47
C PHE C 68 3.77 -3.44 22.61
N SER C 69 3.07 -3.39 21.50
CA SER C 69 1.65 -3.26 21.58
C SER C 69 0.90 -3.90 20.41
N TYR C 70 -0.31 -4.37 20.68
CA TYR C 70 -1.08 -5.12 19.74
C TYR C 70 -2.44 -4.51 19.77
N ALA C 71 -3.05 -4.30 18.64
CA ALA C 71 -4.36 -3.67 18.64
C ALA C 71 -5.28 -4.32 17.62
N ASN C 72 -6.52 -4.51 18.01
CA ASN C 72 -7.46 -5.06 17.05
C ASN C 72 -8.90 -4.63 17.25
N THR C 73 -9.70 -4.80 16.21
CA THR C 73 -11.12 -4.55 16.31
C THR C 73 -11.84 -5.79 15.90
N GLY C 74 -13.04 -5.97 16.41
CA GLY C 74 -13.94 -7.04 15.94
C GLY C 74 -14.53 -6.81 14.54
N ILE C 75 -15.02 -7.90 13.95
CA ILE C 75 -15.78 -7.91 12.72
C ILE C 75 -17.20 -7.48 13.11
N THR C 76 -17.70 -6.39 12.52
CA THR C 76 -19.07 -5.91 12.80
C THR C 76 -20.07 -6.50 11.80
N THR C 77 -21.11 -7.18 12.29
CA THR C 77 -22.07 -7.80 11.39
C THR C 77 -23.44 -7.17 11.59
N GLU C 78 -23.99 -6.60 10.51
CA GLU C 78 -25.32 -6.01 10.55
C GLU C 78 -26.35 -6.97 9.99
N LYS C 79 -27.45 -7.16 10.71
CA LYS C 79 -28.50 -8.04 10.23
C LYS C 79 -29.77 -7.26 10.07
N VAL C 80 -30.19 -7.15 8.82
CA VAL C 80 -31.30 -6.30 8.44
C VAL C 80 -32.48 -7.17 8.01
N ILE C 81 -33.62 -7.01 8.66
CA ILE C 81 -34.81 -7.75 8.26
C ILE C 81 -35.69 -6.88 7.39
N SER C 82 -35.93 -7.30 6.16
CA SER C 82 -36.70 -6.48 5.26
C SER C 82 -38.18 -6.63 5.48
N PRO C 83 -39.00 -5.70 4.97
CA PRO C 83 -40.44 -5.83 5.08
C PRO C 83 -40.99 -7.03 4.30
N ASP C 84 -40.36 -7.36 3.16
CA ASP C 84 -40.72 -8.58 2.44
C ASP C 84 -40.15 -9.84 3.12
N GLY C 85 -39.59 -9.70 4.32
CA GLY C 85 -39.16 -10.84 5.11
C GLY C 85 -37.78 -11.41 4.85
N SER C 86 -37.06 -10.97 3.82
CA SER C 86 -35.68 -11.40 3.68
C SER C 86 -34.80 -10.88 4.83
N VAL C 87 -33.82 -11.70 5.22
CA VAL C 87 -32.76 -11.25 6.10
C VAL C 87 -31.52 -11.08 5.25
N ASN C 88 -30.75 -10.05 5.55
CA ASN C 88 -29.52 -9.80 4.83
C ASN C 88 -28.46 -9.38 5.78
N LYS C 89 -27.41 -10.19 5.93
CA LYS C 89 -26.32 -9.79 6.80
C LYS C 89 -25.20 -9.12 5.99
N ARG C 90 -24.63 -8.07 6.55
CA ARG C 90 -23.49 -7.37 5.95
C ARG C 90 -22.36 -7.31 6.96
N THR C 91 -21.12 -7.26 6.48
CA THR C 91 -20.00 -7.15 7.41
C THR C 91 -19.01 -6.03 7.05
N GLY C 92 -18.33 -5.53 8.08
CA GLY C 92 -17.21 -4.60 7.96
C GLY C 92 -16.32 -4.70 9.19
N LYS C 93 -15.19 -4.02 9.13
CA LYS C 93 -14.22 -4.02 10.23
C LYS C 93 -13.70 -2.62 10.44
N ALA C 94 -13.84 -2.13 11.66
CA ALA C 94 -13.32 -0.83 12.05
C ALA C 94 -11.80 -0.72 11.89
N SER C 95 -11.36 0.49 11.54
CA SER C 95 -9.96 0.82 11.51
C SER C 95 -9.32 0.60 12.89
N THR C 96 -8.10 0.09 12.93
CA THR C 96 -7.39 -0.02 14.20
C THR C 96 -6.49 1.20 14.39
N GLU C 97 -6.57 2.13 13.45
CA GLU C 97 -5.67 3.27 13.36
C GLU C 97 -5.61 4.16 14.61
N ASN C 98 -6.68 4.21 15.38
CA ASN C 98 -6.72 4.99 16.62
C ASN C 98 -6.72 4.18 17.88
N ILE C 99 -6.17 2.99 17.82
CA ILE C 99 -5.97 2.20 19.01
C ILE C 99 -4.47 2.15 19.19
N VAL C 100 -3.94 2.87 20.16
CA VAL C 100 -2.52 3.15 20.14
C VAL C 100 -1.92 3.14 21.50
N CYS C 101 -0.61 3.11 21.52
CA CYS C 101 0.14 3.20 22.72
C CYS C 101 1.17 4.30 22.54
N THR C 102 0.99 5.40 23.28
CA THR C 102 1.76 6.64 23.11
C THR C 102 2.40 7.16 24.40
N ASP C 103 3.32 8.11 24.19
CA ASP C 103 3.97 8.85 25.25
C ASP C 103 4.80 7.93 26.09
N ILE C 104 5.57 7.07 25.46
CA ILE C 104 6.31 6.08 26.23
C ILE C 104 7.53 6.76 26.77
N VAL C 105 7.60 6.87 28.10
CA VAL C 105 8.75 7.47 28.74
C VAL C 105 9.35 6.54 29.77
N TRP C 106 10.67 6.44 29.78
CA TRP C 106 11.38 5.53 30.66
C TRP C 106 12.16 6.28 31.72
N ASN C 107 12.14 5.80 32.93
CA ASN C 107 13.20 6.17 33.82
C ASN C 107 13.85 5.04 34.55
N SER C 108 14.70 5.40 35.51
CA SER C 108 15.33 4.38 36.33
C SER C 108 14.28 3.55 37.08
N GLY C 109 13.06 4.09 37.20
CA GLY C 109 12.06 3.46 38.06
C GLY C 109 11.13 2.51 37.35
N GLY C 110 10.98 2.69 36.03
CA GLY C 110 9.98 1.95 35.29
C GLY C 110 9.64 2.64 33.97
N VAL C 111 8.41 2.47 33.50
CA VAL C 111 7.98 3.12 32.30
C VAL C 111 6.59 3.69 32.47
N GLN C 112 6.34 4.81 31.79
N GLN C 112 6.33 4.85 31.88
CA GLN C 112 5.05 5.50 31.78
CA GLN C 112 4.96 5.32 31.77
C GLN C 112 4.56 5.60 30.32
C GLN C 112 4.58 5.35 30.30
N PHE C 113 3.29 5.33 30.04
CA PHE C 113 2.77 5.47 28.68
C PHE C 113 1.26 5.55 28.73
N LYS C 114 0.64 5.78 27.59
CA LYS C 114 -0.78 6.04 27.50
C LYS C 114 -1.39 5.06 26.51
N SER C 116 -4.69 4.62 24.39
CA SER C 116 -6.02 5.10 24.01
C SER C 116 -6.60 4.32 22.88
N ALA C 117 -7.91 4.22 22.85
CA ALA C 117 -8.65 3.47 21.85
C ALA C 117 -9.93 4.21 21.50
N SER C 118 -10.17 4.29 20.20
CA SER C 118 -11.31 4.95 19.64
C SER C 118 -11.66 4.16 18.37
N ALA C 119 -12.86 3.58 18.32
CA ALA C 119 -13.27 2.80 17.13
C ALA C 119 -14.71 3.06 16.73
N SER C 120 -14.90 3.37 15.46
CA SER C 120 -16.24 3.58 14.84
C SER C 120 -16.92 2.28 14.48
N ASN C 121 -18.25 2.26 14.52
CA ASN C 121 -18.94 1.20 13.76
C ASN C 121 -18.80 1.53 12.22
N PRO C 122 -18.14 0.65 11.41
CA PRO C 122 -17.87 0.96 10.00
C PRO C 122 -19.07 0.81 9.06
N LEU C 123 -20.13 0.16 9.54
CA LEU C 123 -21.35 -0.02 8.78
C LEU C 123 -22.36 1.08 9.12
N ASN C 124 -22.14 1.77 10.24
CA ASN C 124 -23.10 2.75 10.76
C ASN C 124 -22.53 4.17 10.84
N VAL C 125 -23.18 5.12 10.17
CA VAL C 125 -22.63 6.48 10.07
C VAL C 125 -23.15 7.38 11.20
N TYR C 126 -24.47 7.24 11.48
CA TYR C 126 -25.17 8.07 12.52
C TYR C 126 -24.65 7.87 13.96
N ALA C 127 -23.63 7.02 14.14
CA ALA C 127 -23.15 6.64 15.47
C ALA C 127 -21.73 7.14 15.76
N PRO C 128 -21.43 7.32 17.05
CA PRO C 128 -20.17 7.76 17.61
C PRO C 128 -19.31 6.56 17.97
N PRO C 129 -18.05 6.83 18.34
CA PRO C 129 -17.08 5.78 18.61
C PRO C 129 -17.01 5.40 20.09
N VAL C 130 -16.54 4.20 20.39
CA VAL C 130 -16.36 3.81 21.76
C VAL C 130 -14.94 4.17 22.10
N ASP C 131 -14.74 4.77 23.26
CA ASP C 131 -13.47 5.36 23.59
C ASP C 131 -13.02 4.88 24.94
N TYR C 132 -11.72 4.68 25.10
CA TYR C 132 -11.15 4.71 26.41
C TYR C 132 -9.74 5.30 26.40
N VAL C 133 -9.29 5.83 27.53
CA VAL C 133 -7.86 6.09 27.69
C VAL C 133 -7.32 5.75 29.08
N LEU C 134 -6.26 4.91 29.11
CA LEU C 134 -5.51 4.59 30.31
C LEU C 134 -4.18 5.26 30.31
N ASN C 135 -3.92 5.95 31.40
CA ASN C 135 -2.59 6.39 31.72
C ASN C 135 -1.99 5.35 32.62
N VAL C 136 -0.93 4.71 32.19
CA VAL C 136 -0.39 3.63 33.02
C VAL C 136 1.04 3.80 33.38
N CYS C 137 1.35 3.49 34.61
CA CYS C 137 2.70 3.54 35.06
C CYS C 137 3.07 2.15 35.54
N VAL C 138 4.02 1.51 34.87
CA VAL C 138 4.50 0.21 35.29
C VAL C 138 5.88 0.36 35.94
N LYS C 139 6.04 -0.29 37.08
CA LYS C 139 7.25 -0.17 37.86
C LYS C 139 8.12 -1.39 37.69
N LYS C 140 9.43 -1.19 37.77
CA LYS C 140 10.39 -2.31 37.70
C LYS C 140 10.12 -3.55 38.56
N ASP C 141 9.49 -3.37 39.72
CA ASP C 141 9.14 -4.51 40.58
C ASP C 141 7.83 -5.20 40.20
N GLY C 142 7.17 -4.78 39.13
CA GLY C 142 6.01 -5.49 38.70
C GLY C 142 4.71 -4.78 38.94
N SER C 143 4.71 -3.79 39.83
CA SER C 143 3.46 -3.11 40.15
C SER C 143 3.04 -2.04 39.11
N ILE C 144 1.75 -1.74 39.10
CA ILE C 144 1.22 -0.81 38.16
C ILE C 144 0.30 0.22 38.80
N ASP C 145 0.32 1.41 38.22
CA ASP C 145 -0.61 2.46 38.57
C ASP C 145 -1.36 2.88 37.28
N VAL C 146 -2.69 2.69 37.31
CA VAL C 146 -3.55 2.95 36.16
C VAL C 146 -4.64 3.96 36.47
N GLN C 147 -4.69 5.07 35.73
CA GLN C 147 -5.89 5.94 35.72
C GLN C 147 -6.58 5.93 34.37
N GLY C 148 -7.82 5.44 34.37
CA GLY C 148 -8.58 5.25 33.14
C GLY C 148 -9.85 6.07 33.08
N GLU C 149 -10.33 6.22 31.85
CA GLU C 149 -11.58 6.84 31.51
C GLU C 149 -12.19 6.04 30.40
N HIS C 150 -13.49 5.78 30.46
CA HIS C 150 -14.17 5.14 29.32
C HIS C 150 -15.62 5.61 29.14
N ASP C 151 -16.17 5.44 27.93
CA ASP C 151 -17.59 5.64 27.66
C ASP C 151 -18.40 4.65 28.51
N GLY C 152 -19.66 4.96 28.81
CA GLY C 152 -20.47 4.06 29.66
C GLY C 152 -21.05 2.83 28.99
N PHE C 153 -20.58 2.52 27.79
CA PHE C 153 -21.11 1.40 27.01
C PHE C 153 -20.06 1.01 25.94
N PRO C 154 -19.92 -0.30 25.60
CA PRO C 154 -20.50 -1.56 26.09
C PRO C 154 -19.85 -1.97 27.38
N CYS C 155 -19.31 -3.18 27.44
CA CYS C 155 -18.49 -3.57 28.59
C CYS C 155 -17.02 -3.39 28.29
N PHE C 156 -16.27 -3.08 29.36
CA PHE C 156 -14.85 -2.85 29.30
C PHE C 156 -14.23 -3.73 30.37
N GLU C 157 -13.16 -4.41 30.03
CA GLU C 157 -12.41 -5.17 31.03
C GLU C 157 -10.92 -4.90 30.84
N PHE C 158 -10.17 -4.81 31.93
CA PHE C 158 -8.72 -4.61 31.88
C PHE C 158 -8.04 -5.56 32.82
N TYR C 159 -7.02 -6.27 32.33
CA TYR C 159 -6.27 -7.24 33.15
C TYR C 159 -4.77 -7.02 33.12
N LYS C 160 -4.08 -7.49 34.18
CA LYS C 160 -2.62 -7.43 34.31
C LYS C 160 -2.07 -8.84 34.32
N GLN C 161 -0.93 -9.07 33.67
CA GLN C 161 -0.29 -10.41 33.69
C GLN C 161 1.25 -10.36 33.75
N VAL C 162 1.84 -10.83 34.84
CA VAL C 162 3.29 -10.74 34.88
C VAL C 162 4.03 -12.07 34.68
N ASP C 163 5.14 -12.03 33.95
CA ASP C 163 5.99 -13.20 33.72
C ASP C 163 5.26 -14.45 33.30
N PHE C 164 4.30 -14.31 32.39
CA PHE C 164 3.47 -15.41 31.92
C PHE C 164 2.67 -16.11 33.03
N GLY C 165 2.46 -15.45 34.15
CA GLY C 165 1.63 -15.99 35.23
C GLY C 165 0.12 -15.92 34.96
N PRO C 166 -0.69 -16.15 36.00
CA PRO C 166 -2.14 -15.94 35.89
C PRO C 166 -2.45 -14.47 35.50
N PHE C 167 -3.69 -14.22 35.09
CA PHE C 167 -4.19 -12.87 34.80
C PHE C 167 -4.83 -12.31 36.06
N GLU C 168 -4.43 -11.13 36.52
CA GLU C 168 -5.17 -10.44 37.60
C GLU C 168 -6.07 -9.38 37.00
N LYS C 169 -7.19 -9.08 37.66
CA LYS C 169 -8.17 -8.12 37.16
C LYS C 169 -7.79 -6.71 37.57
N ILE C 170 -7.81 -5.77 36.65
CA ILE C 170 -7.49 -4.40 37.02
C ILE C 170 -8.77 -3.70 37.32
N TYR C 171 -9.70 -3.78 36.39
CA TYR C 171 -10.98 -3.10 36.47
C TYR C 171 -11.89 -3.64 35.40
N THR C 172 -13.18 -3.78 35.72
CA THR C 172 -14.21 -4.09 34.71
C THR C 172 -15.41 -3.18 34.89
N HIS C 173 -16.09 -2.85 33.79
CA HIS C 173 -17.32 -2.08 33.83
C HIS C 173 -18.40 -2.79 33.04
N ASP C 174 -19.56 -2.92 33.65
CA ASP C 174 -20.63 -3.71 33.11
C ASP C 174 -21.89 -2.85 32.97
N PHE C 175 -22.19 -2.39 31.76
CA PHE C 175 -23.26 -1.42 31.55
C PHE C 175 -24.63 -1.92 32.00
N ARG C 176 -24.82 -3.23 31.97
CA ARG C 176 -26.08 -3.73 32.46
C ARG C 176 -26.19 -3.75 33.99
N GLU C 177 -25.08 -3.55 34.70
CA GLU C 177 -25.16 -3.23 36.15
C GLU C 177 -25.55 -1.77 36.31
N THR C 178 -24.78 -0.90 35.68
CA THR C 178 -24.79 0.55 35.93
C THR C 178 -25.89 1.30 35.18
N GLY C 179 -26.71 0.55 34.43
CA GLY C 179 -27.88 1.07 33.72
C GLY C 179 -27.57 2.06 32.60
N ASP C 180 -26.71 1.65 31.68
CA ASP C 180 -26.29 2.55 30.62
C ASP C 180 -26.83 2.05 29.29
N THR C 181 -26.48 2.76 28.23
CA THR C 181 -27.15 2.61 26.93
C THR C 181 -26.13 2.77 25.82
N ALA C 182 -26.52 2.51 24.59
CA ALA C 182 -25.69 2.84 23.42
C ALA C 182 -25.55 4.35 23.25
N ALA C 183 -26.24 5.08 24.12
CA ALA C 183 -26.15 6.54 24.09
C ALA C 183 -24.84 6.99 24.72
N ALA C 184 -24.34 6.18 25.65
CA ALA C 184 -23.16 6.53 26.42
C ALA C 184 -21.92 6.52 25.54
N LEU C 185 -22.05 5.90 24.36
CA LEU C 185 -21.01 5.97 23.34
C LEU C 185 -20.67 7.39 22.96
N GLY C 186 -21.63 8.30 23.06
CA GLY C 186 -21.50 9.63 22.54
C GLY C 186 -21.08 10.64 23.59
N GLY C 187 -20.74 11.85 23.14
CA GLY C 187 -20.36 12.93 24.02
C GLY C 187 -19.00 12.66 24.59
N ASN C 188 -18.89 12.73 25.92
CA ASN C 188 -17.61 12.55 26.59
C ASN C 188 -17.35 11.16 27.14
N ASP C 190 -17.55 9.24 30.08
CA ASP C 190 -18.40 9.50 31.20
C ASP C 190 -18.09 8.72 32.49
N TYR C 191 -17.04 7.91 32.51
CA TYR C 191 -16.62 7.17 33.71
C TYR C 191 -15.13 7.22 33.85
N SER C 192 -14.64 7.40 35.08
CA SER C 192 -13.20 7.23 35.34
C SER C 192 -12.92 6.24 36.48
N PHE C 193 -11.68 5.78 36.59
CA PHE C 193 -11.29 4.89 37.67
C PHE C 193 -9.80 4.99 37.90
N THR C 194 -9.39 4.61 39.10
CA THR C 194 -8.01 4.51 39.48
C THR C 194 -7.79 3.17 40.18
N LYS C 195 -6.74 2.45 39.80
CA LYS C 195 -6.36 1.20 40.43
C LYS C 195 -4.87 1.08 40.58
N ARG C 196 -4.42 0.56 41.71
CA ARG C 196 -3.04 0.09 41.82
C ARG C 196 -3.02 -1.41 42.07
N LEU C 197 -2.09 -2.08 41.40
CA LEU C 197 -1.59 -3.40 41.81
C LEU C 197 -0.28 -3.72 41.10
N THR D 5 -20.21 -26.91 22.85
CA THR D 5 -18.94 -26.19 22.99
C THR D 5 -18.84 -25.04 21.98
N ASN D 6 -18.53 -23.85 22.46
CA ASN D 6 -18.65 -22.65 21.66
C ASN D 6 -17.44 -22.38 20.77
N ILE D 7 -16.29 -22.16 21.38
CA ILE D 7 -15.12 -21.71 20.64
C ILE D 7 -13.89 -22.48 21.12
N ILE D 8 -13.01 -22.82 20.19
CA ILE D 8 -11.81 -23.60 20.50
C ILE D 8 -10.57 -23.07 19.78
N LYS D 9 -9.43 -23.10 20.46
CA LYS D 9 -8.21 -22.40 19.98
C LYS D 9 -6.99 -23.34 19.80
N ILE D 10 -6.23 -23.10 18.74
CA ILE D 10 -4.94 -23.78 18.58
C ILE D 10 -3.83 -22.72 18.48
N ARG D 11 -2.86 -22.78 19.37
CA ARG D 11 -1.79 -21.80 19.36
C ARG D 11 -0.50 -22.48 18.94
N ALA D 12 0.23 -21.87 18.01
CA ALA D 12 1.54 -22.40 17.63
C ALA D 12 2.62 -21.38 17.94
N SER D 13 3.73 -21.83 18.48
CA SER D 13 4.78 -20.88 18.82
C SER D 13 6.11 -21.50 18.45
N VAL D 14 6.96 -20.71 17.82
CA VAL D 14 8.30 -21.17 17.52
C VAL D 14 9.27 -20.20 18.18
N PHE D 15 10.11 -20.70 19.06
CA PHE D 15 10.96 -19.76 19.83
C PHE D 15 12.33 -20.28 20.12
N ILE D 16 13.27 -19.39 20.37
CA ILE D 16 14.60 -19.80 20.80
C ILE D 16 14.75 -19.51 22.29
N PRO D 17 14.92 -20.57 23.09
CA PRO D 17 15.04 -20.49 24.54
C PRO D 17 16.19 -19.64 25.08
N SER D 19 19.17 -16.47 25.06
CA SER D 19 19.08 -15.06 24.93
C SER D 19 19.71 -14.69 23.64
N TRP D 20 20.71 -15.48 23.26
CA TRP D 20 21.43 -15.26 22.04
C TRP D 20 21.71 -16.59 21.39
N THR D 21 21.59 -16.68 20.06
CA THR D 21 22.01 -17.88 19.35
C THR D 21 23.50 -17.97 19.54
N GLU D 22 24.07 -19.12 19.21
CA GLU D 22 25.49 -19.31 19.48
C GLU D 22 26.39 -18.58 18.45
N ALA D 23 27.45 -17.99 18.92
CA ALA D 23 28.31 -17.19 18.06
C ALA D 23 28.74 -17.88 16.77
N LYS D 24 28.82 -17.13 15.68
CA LYS D 24 29.51 -17.59 14.46
C LYS D 24 30.66 -16.66 14.25
N ASP D 26 33.88 -15.25 11.78
CA ASP D 26 34.44 -15.22 10.44
C ASP D 26 35.89 -14.84 10.52
N GLU D 28 37.56 -13.94 8.12
CA GLU D 28 37.81 -12.98 7.04
C GLU D 28 37.72 -11.55 7.59
N THR D 29 36.57 -11.24 8.19
CA THR D 29 36.29 -9.94 8.77
C THR D 29 36.80 -9.78 10.21
N GLY D 30 37.08 -10.91 10.88
CA GLY D 30 37.46 -10.96 12.33
C GLY D 30 36.26 -10.93 13.31
N GLN D 31 35.02 -10.91 12.80
CA GLN D 31 33.88 -10.61 13.63
C GLN D 31 33.13 -11.78 14.20
N VAL D 32 32.43 -11.56 15.29
CA VAL D 32 31.53 -12.54 15.83
C VAL D 32 30.11 -12.03 15.64
N ILE D 33 29.19 -12.90 15.21
CA ILE D 33 27.79 -12.54 14.93
C ILE D 33 26.89 -13.46 15.77
N GLN D 34 25.87 -12.88 16.39
CA GLN D 34 24.78 -13.68 16.91
C GLN D 34 23.49 -12.96 16.76
N PHE D 35 22.40 -13.70 16.83
CA PHE D 35 21.08 -13.15 16.80
C PHE D 35 20.41 -13.35 18.13
N GLU D 36 19.48 -12.45 18.42
CA GLU D 36 18.83 -12.46 19.69
C GLU D 36 17.80 -13.57 19.79
N GLY D 37 17.77 -14.25 20.94
CA GLY D 37 16.81 -15.34 21.15
C GLY D 37 15.59 -14.82 21.89
N ASP D 38 14.85 -15.71 22.55
CA ASP D 38 13.61 -15.33 23.23
C ASP D 38 13.68 -15.48 24.74
N SER D 39 14.81 -15.99 25.23
CA SER D 39 15.10 -15.99 26.67
C SER D 39 13.91 -16.44 27.50
N ARG D 40 13.33 -17.59 27.17
CA ARG D 40 12.22 -18.11 27.93
C ARG D 40 12.12 -19.60 27.78
N GLU D 41 11.26 -20.22 28.56
CA GLU D 41 10.97 -21.63 28.42
C GLU D 41 9.60 -21.83 27.75
N PHE D 42 9.19 -23.08 27.60
CA PHE D 42 7.87 -23.37 27.06
C PHE D 42 6.80 -22.72 27.90
N THR D 43 5.85 -22.06 27.25
CA THR D 43 4.69 -21.53 27.95
C THR D 43 3.62 -21.11 26.96
N PRO D 44 2.35 -21.28 27.36
CA PRO D 44 1.25 -20.91 26.46
C PRO D 44 0.91 -19.44 26.51
N HIS D 45 1.47 -18.70 27.46
CA HIS D 45 1.03 -17.33 27.74
C HIS D 45 1.90 -16.27 27.05
N ALA D 46 2.44 -16.62 25.90
CA ALA D 46 3.50 -15.83 25.29
C ALA D 46 2.97 -14.91 24.19
N VAL D 47 1.66 -14.88 24.00
CA VAL D 47 1.08 -14.13 22.89
C VAL D 47 1.49 -12.67 22.99
N ASN D 48 1.74 -12.05 21.83
CA ASN D 48 1.94 -10.60 21.78
C ASN D 48 3.04 -10.11 22.72
N THR D 49 3.89 -11.03 23.18
CA THR D 49 5.01 -10.65 24.04
C THR D 49 6.27 -10.42 23.23
N ARG D 51 8.02 -12.72 22.22
CA ARG D 51 8.97 -13.74 22.67
C ARG D 51 8.89 -15.01 21.84
N SER D 52 8.68 -14.85 20.53
CA SER D 52 8.72 -15.97 19.61
C SER D 52 9.24 -15.52 18.26
N ARG D 53 9.80 -16.47 17.50
CA ARG D 53 10.29 -16.15 16.17
C ARG D 53 9.09 -16.16 15.25
N VAL D 54 8.12 -17.04 15.53
CA VAL D 54 6.91 -17.20 14.75
C VAL D 54 5.81 -17.58 15.73
N GLU D 55 4.63 -17.03 15.53
CA GLU D 55 3.49 -17.32 16.39
C GLU D 55 2.21 -17.26 15.61
N GLN D 56 1.34 -18.21 15.87
CA GLN D 56 0.08 -18.32 15.12
C GLN D 56 -1.03 -18.85 16.02
N GLU D 57 -2.21 -18.24 15.89
CA GLU D 57 -3.42 -18.75 16.57
C GLU D 57 -4.58 -18.92 15.58
N VAL D 58 -5.05 -20.15 15.43
CA VAL D 58 -6.29 -20.40 14.72
C VAL D 58 -7.42 -20.67 15.71
N VAL D 59 -8.55 -20.04 15.46
CA VAL D 59 -9.68 -20.09 16.36
C VAL D 59 -10.92 -20.52 15.60
N VAL D 60 -11.49 -21.65 16.00
CA VAL D 60 -12.70 -22.08 15.36
C VAL D 60 -13.88 -21.83 16.26
N ASP D 61 -14.84 -21.12 15.66
CA ASP D 61 -16.03 -20.67 16.34
C ASP D 61 -17.27 -21.43 15.87
N PHE D 62 -17.74 -22.30 16.74
CA PHE D 62 -18.85 -23.16 16.41
C PHE D 62 -20.14 -22.43 16.56
N TYR D 63 -20.21 -21.47 17.47
CA TYR D 63 -21.35 -20.58 17.50
C TYR D 63 -21.56 -19.80 16.16
N LYS D 64 -20.52 -19.17 15.63
CA LYS D 64 -20.65 -18.38 14.40
C LYS D 64 -20.44 -19.20 13.14
N GLN D 65 -19.92 -20.43 13.28
CA GLN D 65 -19.38 -21.25 12.16
C GLN D 65 -18.40 -20.52 11.27
N GLU D 66 -17.28 -20.14 11.88
CA GLU D 66 -16.28 -19.31 11.27
C GLU D 66 -14.92 -19.70 11.79
N VAL D 67 -13.89 -19.49 10.99
CA VAL D 67 -12.52 -19.72 11.43
C VAL D 67 -11.68 -18.43 11.36
N PHE D 68 -11.00 -18.12 12.44
CA PHE D 68 -10.20 -16.92 12.49
C PHE D 68 -8.74 -17.26 12.74
N SER D 69 -7.84 -16.47 12.18
CA SER D 69 -6.41 -16.71 12.36
C SER D 69 -5.64 -15.44 12.60
N TYR D 70 -4.75 -15.51 13.58
CA TYR D 70 -3.77 -14.45 13.84
C TYR D 70 -2.41 -15.03 13.54
N ALA D 71 -1.55 -14.21 12.99
CA ALA D 71 -0.21 -14.63 12.70
C ALA D 71 0.78 -13.52 12.95
N ASN D 72 1.99 -13.90 13.37
CA ASN D 72 3.00 -12.92 13.61
C ASN D 72 4.41 -13.47 13.72
N THR D 73 5.39 -12.59 13.51
CA THR D 73 6.77 -12.90 13.73
C THR D 73 7.33 -11.95 14.76
N GLY D 74 8.30 -12.43 15.54
CA GLY D 74 9.11 -11.53 16.35
C GLY D 74 10.10 -10.71 15.55
N ILE D 75 10.85 -9.87 16.25
CA ILE D 75 11.91 -9.03 15.68
C ILE D 75 13.25 -9.76 15.67
N THR D 76 13.93 -9.76 14.51
CA THR D 76 15.29 -10.28 14.41
C THR D 76 16.30 -9.18 14.82
N THR D 77 17.19 -9.49 15.76
CA THR D 77 18.24 -8.51 16.10
C THR D 77 19.59 -9.16 15.94
N GLU D 78 20.42 -8.61 15.06
CA GLU D 78 21.72 -9.16 14.79
C GLU D 78 22.71 -8.38 15.65
N LYS D 79 23.60 -9.07 16.33
CA LYS D 79 24.59 -8.40 17.11
C LYS D 79 25.97 -8.75 16.52
N VAL D 80 26.80 -7.74 16.24
CA VAL D 80 28.12 -8.03 15.66
C VAL D 80 29.25 -7.48 16.53
N ILE D 81 30.08 -8.36 17.08
CA ILE D 81 31.22 -7.89 17.86
C ILE D 81 32.38 -7.72 16.90
N SER D 82 33.15 -6.64 17.01
CA SER D 82 34.22 -6.38 16.07
C SER D 82 35.60 -6.67 16.65
N PRO D 83 36.63 -6.77 15.81
CA PRO D 83 37.96 -7.08 16.32
C PRO D 83 38.41 -6.15 17.43
N ASP D 84 37.80 -5.01 17.54
CA ASP D 84 38.30 -4.03 18.48
C ASP D 84 37.26 -3.90 19.60
N GLY D 85 36.40 -4.89 19.70
CA GLY D 85 35.47 -4.93 20.80
C GLY D 85 34.23 -4.06 20.70
N SER D 86 34.10 -3.23 19.65
CA SER D 86 32.83 -2.45 19.41
C SER D 86 31.66 -3.38 19.14
N VAL D 87 30.47 -3.09 19.62
CA VAL D 87 29.37 -3.96 19.25
C VAL D 87 28.29 -3.25 18.47
N ASN D 88 27.77 -3.84 17.40
CA ASN D 88 26.67 -3.22 16.69
C ASN D 88 25.44 -4.06 16.54
N LYS D 89 24.29 -3.43 16.71
CA LYS D 89 23.03 -4.09 16.48
C LYS D 89 22.35 -3.65 15.19
N ARG D 90 21.65 -4.55 14.53
CA ARG D 90 20.79 -4.21 13.41
C ARG D 90 19.47 -4.85 13.70
N THR D 91 18.44 -4.40 13.02
CA THR D 91 17.16 -4.91 13.38
C THR D 91 16.27 -5.06 12.18
N GLY D 92 15.44 -6.08 12.18
CA GLY D 92 14.51 -6.35 11.07
C GLY D 92 13.35 -7.23 11.48
N LYS D 93 12.29 -7.22 10.69
CA LYS D 93 11.11 -8.04 10.98
C LYS D 93 10.69 -8.87 9.79
N ALA D 94 10.74 -10.19 9.96
CA ALA D 94 10.25 -11.17 8.97
C ALA D 94 8.83 -10.93 8.52
N SER D 95 8.63 -11.13 7.23
CA SER D 95 7.33 -11.03 6.63
C SER D 95 6.41 -12.11 7.18
N THR D 96 5.14 -11.78 7.35
CA THR D 96 4.14 -12.79 7.75
C THR D 96 3.31 -13.45 6.61
N GLU D 97 3.62 -13.14 5.34
CA GLU D 97 2.79 -13.62 4.19
C GLU D 97 2.65 -15.13 4.17
N ASN D 98 3.70 -15.82 4.61
CA ASN D 98 3.70 -17.27 4.58
C ASN D 98 3.37 -17.97 5.91
N ILE D 99 2.64 -17.25 6.78
CA ILE D 99 1.98 -17.89 7.93
C ILE D 99 0.48 -17.81 7.68
N VAL D 100 -0.06 -18.97 7.35
CA VAL D 100 -1.37 -19.03 6.77
C VAL D 100 -2.18 -20.16 7.37
N CYS D 101 -3.49 -19.99 7.28
CA CYS D 101 -4.45 -20.98 7.66
C CYS D 101 -5.29 -21.29 6.44
N THR D 102 -5.44 -22.57 6.13
CA THR D 102 -5.80 -22.87 4.77
C THR D 102 -6.60 -24.17 4.61
N ASP D 103 -7.24 -24.33 3.45
CA ASP D 103 -8.14 -25.47 3.14
C ASP D 103 -9.09 -25.73 4.29
N ILE D 104 -9.94 -24.75 4.56
CA ILE D 104 -10.96 -24.88 5.57
C ILE D 104 -12.10 -25.68 4.96
N VAL D 105 -12.39 -26.83 5.55
CA VAL D 105 -13.50 -27.67 5.13
C VAL D 105 -14.44 -27.90 6.31
N TRP D 106 -15.74 -27.69 6.08
CA TRP D 106 -16.76 -27.85 7.11
C TRP D 106 -17.63 -29.06 6.81
N ASN D 107 -17.79 -29.92 7.81
CA ASN D 107 -18.75 -31.04 7.69
C ASN D 107 -19.79 -31.01 8.81
N SER D 108 -20.65 -32.03 8.84
CA SER D 108 -21.66 -32.18 9.88
C SER D 108 -21.09 -32.04 11.31
N GLY D 109 -19.95 -32.68 11.54
CA GLY D 109 -19.45 -32.88 12.90
C GLY D 109 -18.26 -32.03 13.31
N GLY D 110 -17.93 -31.04 12.49
CA GLY D 110 -16.80 -30.17 12.78
C GLY D 110 -16.12 -29.66 11.53
N VAL D 111 -14.85 -29.31 11.67
CA VAL D 111 -14.12 -28.55 10.66
C VAL D 111 -12.68 -29.04 10.56
N GLN D 112 -12.12 -28.99 9.35
CA GLN D 112 -10.69 -29.23 9.14
C GLN D 112 -9.99 -28.07 8.46
N PHE D 113 -8.68 -27.94 8.71
CA PHE D 113 -7.88 -26.91 8.06
C PHE D 113 -6.38 -27.20 8.17
N LYS D 114 -5.58 -26.34 7.55
CA LYS D 114 -4.14 -26.52 7.53
C LYS D 114 -3.42 -25.26 7.97
N SER D 116 0.03 -23.45 8.14
N SER D 116 0.08 -23.44 8.17
CA SER D 116 1.36 -23.47 7.57
CA SER D 116 1.38 -23.55 7.51
C SER D 116 2.15 -22.26 8.02
C SER D 116 2.32 -22.34 7.73
N ALA D 117 3.31 -22.50 8.60
CA ALA D 117 4.28 -21.43 8.85
C ALA D 117 5.58 -21.63 8.09
N SER D 118 6.02 -20.55 7.47
CA SER D 118 7.35 -20.41 6.91
C SER D 118 7.85 -18.96 7.11
N ALA D 119 8.97 -18.78 7.81
CA ALA D 119 9.54 -17.46 8.04
C ALA D 119 11.05 -17.41 7.86
N SER D 120 11.52 -16.40 7.15
CA SER D 120 12.95 -16.26 6.90
C SER D 120 13.62 -15.51 8.03
N ASN D 121 14.94 -15.35 7.94
CA ASN D 121 15.64 -14.32 8.69
C ASN D 121 15.91 -13.14 7.75
N PRO D 122 15.39 -11.95 8.09
N PRO D 122 15.34 -11.97 8.07
CA PRO D 122 15.50 -10.80 7.20
CA PRO D 122 15.10 -10.92 7.08
C PRO D 122 16.91 -10.19 7.21
C PRO D 122 16.35 -10.08 6.80
N LEU D 123 17.70 -10.51 8.22
N LEU D 123 17.43 -10.36 7.55
CA LEU D 123 19.08 -10.00 8.30
CA LEU D 123 18.75 -9.83 7.19
C LEU D 123 20.10 -11.05 7.86
C LEU D 123 19.49 -10.86 6.33
N ASN D 124 19.69 -12.32 7.91
N ASN D 124 19.23 -12.13 6.60
CA ASN D 124 20.51 -13.40 7.37
CA ASN D 124 19.70 -13.23 5.76
C ASN D 124 19.83 -14.07 6.17
C ASN D 124 18.63 -13.58 4.70
N VAL D 125 20.23 -13.66 4.96
N VAL D 125 18.58 -12.80 3.63
CA VAL D 125 19.67 -14.29 3.77
CA VAL D 125 17.56 -13.03 2.59
C VAL D 125 20.17 -15.73 3.66
C VAL D 125 17.70 -14.42 1.99
N TYR D 126 21.35 -15.97 4.25
N TYR D 126 18.86 -15.05 2.20
CA TYR D 126 21.91 -17.31 4.33
CA TYR D 126 19.15 -16.32 1.53
C TYR D 126 21.03 -18.31 5.12
C TYR D 126 19.19 -17.50 2.52
N ALA D 127 20.05 -17.74 5.87
N ALA D 127 18.96 -17.20 3.80
CA ALA D 127 19.12 -18.56 6.64
CA ALA D 127 19.03 -18.24 4.81
C ALA D 127 17.99 -19.12 5.78
C ALA D 127 17.69 -18.99 4.95
N PRO D 128 17.90 -20.45 5.69
N PRO D 128 17.79 -20.28 5.32
CA PRO D 128 16.68 -21.09 5.22
CA PRO D 128 16.65 -21.20 5.20
C PRO D 128 15.56 -20.93 6.27
C PRO D 128 15.56 -20.92 6.25
N PRO D 129 14.30 -20.85 5.82
CA PRO D 129 13.15 -20.56 6.70
C PRO D 129 12.96 -21.59 7.81
N VAL D 130 12.38 -21.20 8.93
CA VAL D 130 11.77 -22.18 9.87
C VAL D 130 10.46 -22.62 9.27
N ASP D 131 10.11 -23.87 9.40
CA ASP D 131 8.93 -24.36 8.74
C ASP D 131 8.15 -25.29 9.65
N TYR D 132 6.84 -25.10 9.72
CA TYR D 132 5.95 -26.22 10.13
C TYR D 132 4.69 -26.26 9.27
N VAL D 133 3.98 -27.40 9.31
CA VAL D 133 2.60 -27.51 8.80
C VAL D 133 1.77 -28.39 9.72
N LEU D 134 0.62 -27.89 10.17
CA LEU D 134 -0.29 -28.69 10.98
C LEU D 134 -1.54 -28.97 10.20
N ASN D 135 -1.91 -30.25 10.11
CA ASN D 135 -3.22 -30.64 9.63
C ASN D 135 -4.13 -30.97 10.82
N VAL D 136 -5.14 -30.13 11.03
CA VAL D 136 -5.92 -30.21 12.25
C VAL D 136 -7.39 -30.43 11.96
N CYS D 137 -7.98 -31.31 12.76
CA CYS D 137 -9.35 -31.67 12.60
C CYS D 137 -10.07 -31.46 13.94
N VAL D 138 -10.98 -30.49 13.97
CA VAL D 138 -11.65 -30.09 15.21
C VAL D 138 -13.12 -30.52 15.21
N LYS D 139 -13.45 -31.45 16.10
CA LYS D 139 -14.82 -32.00 16.17
C LYS D 139 -15.72 -31.01 16.88
N LYS D 140 -17.03 -31.10 16.66
CA LYS D 140 -17.97 -30.11 17.22
C LYS D 140 -18.06 -30.14 18.75
N ASP D 141 -17.35 -31.08 19.37
CA ASP D 141 -17.46 -31.33 20.80
C ASP D 141 -16.17 -31.01 21.55
N GLY D 142 -15.18 -30.47 20.83
CA GLY D 142 -13.98 -29.95 21.47
C GLY D 142 -12.82 -30.93 21.46
N SER D 143 -12.95 -32.03 20.72
CA SER D 143 -11.83 -32.94 20.46
C SER D 143 -11.10 -32.42 19.26
N ILE D 144 -9.80 -32.72 19.21
CA ILE D 144 -8.99 -32.35 18.08
C ILE D 144 -8.15 -33.54 17.65
N ASP D 145 -7.89 -33.65 16.35
CA ASP D 145 -6.91 -34.61 15.85
C ASP D 145 -5.92 -33.85 14.99
N VAL D 146 -4.68 -33.73 15.48
CA VAL D 146 -3.63 -32.96 14.81
C VAL D 146 -2.53 -33.85 14.23
N GLN D 147 -1.98 -33.43 13.09
CA GLN D 147 -0.82 -34.11 12.53
C GLN D 147 0.17 -33.14 11.91
N GLY D 148 1.32 -33.04 12.55
CA GLY D 148 2.29 -32.07 12.16
C GLY D 148 3.64 -32.54 11.70
N GLU D 149 4.30 -31.66 10.98
CA GLU D 149 5.69 -31.79 10.69
C GLU D 149 6.37 -30.49 11.05
N HIS D 150 7.65 -30.55 11.37
CA HIS D 150 8.39 -29.33 11.64
C HIS D 150 9.86 -29.56 11.47
N ASP D 151 10.61 -28.47 11.30
CA ASP D 151 12.05 -28.53 11.26
C ASP D 151 12.58 -28.86 12.65
N GLY D 152 13.72 -29.52 12.70
CA GLY D 152 14.34 -29.88 13.97
C GLY D 152 14.82 -28.77 14.92
N PHE D 153 14.81 -27.51 14.48
CA PHE D 153 15.33 -26.40 15.28
C PHE D 153 14.41 -25.22 14.99
N PRO D 154 14.15 -24.31 15.98
CA PRO D 154 14.46 -24.27 17.39
C PRO D 154 13.41 -25.05 18.13
N CYS D 155 12.62 -24.38 18.95
CA CYS D 155 11.62 -25.08 19.74
C CYS D 155 10.26 -24.85 19.18
N PHE D 156 9.41 -25.84 19.32
CA PHE D 156 8.07 -25.70 18.84
C PHE D 156 7.13 -26.04 19.95
N GLU D 157 6.09 -25.23 20.14
CA GLU D 157 5.05 -25.59 21.10
C GLU D 157 3.66 -25.40 20.50
N PHE D 158 2.75 -26.29 20.83
CA PHE D 158 1.42 -26.22 20.29
C PHE D 158 0.44 -26.46 21.40
N TYR D 159 -0.51 -25.57 21.60
CA TYR D 159 -1.53 -25.81 22.63
C TYR D 159 -2.94 -25.70 22.10
N LYS D 160 -3.90 -26.31 22.81
CA LYS D 160 -5.34 -25.98 22.62
C LYS D 160 -6.00 -25.32 23.81
N GLN D 161 -7.05 -24.56 23.54
CA GLN D 161 -7.81 -23.92 24.60
C GLN D 161 -9.30 -23.95 24.33
N VAL D 162 -10.04 -24.76 25.08
CA VAL D 162 -11.47 -24.83 24.79
C VAL D 162 -12.32 -23.89 25.67
N ASP D 163 -13.10 -23.03 25.02
CA ASP D 163 -14.11 -22.19 25.66
C ASP D 163 -13.54 -21.36 26.80
N PHE D 164 -12.47 -20.62 26.53
CA PHE D 164 -11.79 -19.78 27.54
C PHE D 164 -11.29 -20.55 28.77
N GLY D 165 -11.10 -21.87 28.65
CA GLY D 165 -10.70 -22.73 29.77
C GLY D 165 -9.19 -22.70 29.95
N PRO D 166 -8.63 -23.62 30.76
CA PRO D 166 -7.16 -23.73 30.78
C PRO D 166 -6.58 -24.13 29.43
N PHE D 167 -5.32 -23.82 29.24
CA PHE D 167 -4.55 -24.27 28.09
C PHE D 167 -4.14 -25.73 28.26
N GLU D 168 -4.08 -26.49 27.16
CA GLU D 168 -3.64 -27.88 27.25
C GLU D 168 -2.57 -28.19 26.20
N LYS D 169 -1.45 -28.78 26.63
CA LYS D 169 -0.35 -29.09 25.74
C LYS D 169 -0.79 -30.08 24.65
N ILE D 170 -0.55 -29.74 23.39
CA ILE D 170 -0.70 -30.72 22.31
C ILE D 170 0.62 -31.45 22.08
N TYR D 171 1.67 -30.67 21.81
CA TYR D 171 2.95 -31.22 21.42
C TYR D 171 4.01 -30.14 21.57
N THR D 172 5.19 -30.54 22.06
CA THR D 172 6.34 -29.65 22.14
C THR D 172 7.56 -30.34 21.54
N HIS D 173 8.43 -29.56 20.89
CA HIS D 173 9.73 -30.05 20.45
C HIS D 173 10.85 -29.21 21.03
N ASP D 174 11.77 -29.87 21.75
CA ASP D 174 12.90 -29.18 22.34
C ASP D 174 14.21 -29.60 21.73
N PHE D 175 14.78 -28.73 20.88
CA PHE D 175 15.93 -29.07 20.06
C PHE D 175 17.21 -29.45 20.82
N ARG D 176 17.38 -28.93 22.03
CA ARG D 176 18.53 -29.34 22.79
C ARG D 176 18.33 -30.71 23.42
N GLU D 177 17.08 -31.09 23.69
CA GLU D 177 16.79 -32.46 24.16
C GLU D 177 17.11 -33.50 23.08
N THR D 178 16.77 -33.17 21.84
CA THR D 178 16.83 -34.11 20.74
C THR D 178 18.09 -33.89 19.93
N GLY D 179 19.10 -33.27 20.56
CA GLY D 179 20.45 -33.10 19.99
C GLY D 179 20.52 -32.54 18.57
N ASP D 180 19.97 -31.36 18.38
CA ASP D 180 19.76 -30.81 17.06
C ASP D 180 20.37 -29.43 16.86
N THR D 181 20.45 -29.00 15.60
CA THR D 181 21.25 -27.83 15.24
C THR D 181 20.50 -26.87 14.33
N ALA D 182 20.98 -25.63 14.24
CA ALA D 182 20.42 -24.67 13.30
C ALA D 182 20.47 -25.17 11.86
N ALA D 183 21.27 -26.18 11.60
CA ALA D 183 21.31 -26.82 10.29
C ALA D 183 19.93 -27.40 9.95
N ALA D 184 19.21 -27.84 10.98
CA ALA D 184 17.92 -28.47 10.79
C ALA D 184 16.93 -27.49 10.17
N LEU D 185 17.25 -26.21 10.24
CA LEU D 185 16.47 -25.17 9.52
C LEU D 185 16.34 -25.46 8.01
N GLY D 186 17.43 -25.87 7.36
CA GLY D 186 17.43 -26.23 5.94
C GLY D 186 16.84 -27.60 5.63
N GLY D 187 16.84 -27.98 4.35
CA GLY D 187 16.37 -29.31 3.95
C GLY D 187 14.87 -29.44 4.04
N ASN D 188 14.39 -30.60 4.45
CA ASN D 188 12.95 -30.84 4.62
C ASN D 188 12.57 -30.78 6.10
N ASP D 190 12.13 -32.18 9.41
CA ASP D 190 12.83 -33.35 9.92
C ASP D 190 11.92 -34.24 10.77
N TYR D 191 11.06 -33.62 11.56
CA TYR D 191 10.31 -34.34 12.60
C TYR D 191 8.84 -34.41 12.23
N SER D 192 8.10 -35.31 12.89
CA SER D 192 6.65 -35.36 12.71
C SER D 192 5.91 -35.93 13.92
N PHE D 193 4.62 -35.65 13.99
CA PHE D 193 3.79 -36.12 15.10
C PHE D 193 2.30 -36.13 14.76
N THR D 194 1.57 -36.97 15.49
CA THR D 194 0.13 -36.96 15.44
C THR D 194 -0.37 -36.97 16.89
N LYS D 195 -1.51 -36.32 17.12
CA LYS D 195 -2.06 -36.27 18.47
C LYS D 195 -3.55 -36.09 18.45
N ARG D 196 -4.24 -36.83 19.30
CA ARG D 196 -5.65 -36.57 19.57
C ARG D 196 -5.87 -36.25 21.04
N LEU D 197 -6.66 -35.23 21.32
CA LEU D 197 -6.75 -34.65 22.66
C LEU D 197 -8.15 -34.12 22.96
N THR E 5 37.59 -8.49 -40.17
CA THR E 5 37.77 -9.24 -38.94
C THR E 5 36.67 -10.25 -38.90
N ASN E 6 36.99 -11.50 -38.56
CA ASN E 6 36.00 -12.56 -38.67
C ASN E 6 35.46 -13.06 -37.37
N ILE E 7 36.34 -13.25 -36.41
CA ILE E 7 36.00 -13.92 -35.17
C ILE E 7 36.42 -13.02 -34.05
N ILE E 8 35.54 -12.74 -33.13
CA ILE E 8 35.99 -11.94 -32.01
C ILE E 8 35.39 -12.51 -30.72
N LYS E 9 36.26 -12.88 -29.78
CA LYS E 9 35.88 -13.58 -28.56
C LYS E 9 36.02 -12.71 -27.31
N ILE E 10 35.04 -12.78 -26.44
CA ILE E 10 35.09 -12.07 -25.17
C ILE E 10 35.04 -13.19 -24.16
N ARG E 11 35.95 -13.14 -23.20
CA ARG E 11 36.04 -14.18 -22.20
C ARG E 11 35.96 -13.52 -20.84
N ALA E 12 35.18 -14.15 -19.94
CA ALA E 12 35.00 -13.72 -18.54
C ALA E 12 35.25 -14.89 -17.59
N SER E 13 35.88 -14.60 -16.47
CA SER E 13 36.22 -15.59 -15.49
C SER E 13 36.01 -15.00 -14.09
N VAL E 14 35.35 -15.74 -13.19
CA VAL E 14 35.22 -15.31 -11.80
C VAL E 14 35.98 -16.32 -10.95
N PHE E 15 36.98 -15.85 -10.17
CA PHE E 15 37.81 -16.80 -9.40
C PHE E 15 38.30 -16.34 -8.06
N ILE E 16 38.60 -17.31 -7.20
CA ILE E 16 39.18 -17.05 -5.90
C ILE E 16 40.65 -17.41 -5.99
N PRO E 17 41.57 -16.44 -5.77
CA PRO E 17 42.98 -16.67 -6.02
C PRO E 17 43.62 -17.66 -5.09
N SER E 19 43.89 -20.90 -2.09
CA SER E 19 43.58 -22.33 -2.08
C SER E 19 42.28 -22.63 -1.37
N TRP E 20 42.04 -21.88 -0.31
CA TRP E 20 40.83 -22.05 0.49
C TRP E 20 40.33 -20.71 0.85
N THR E 21 39.01 -20.57 0.89
CA THR E 21 38.41 -19.33 1.38
C THR E 21 38.77 -19.21 2.87
N GLU E 22 38.45 -18.08 3.46
CA GLU E 22 38.82 -17.83 4.83
C GLU E 22 37.89 -18.58 5.75
N ALA E 23 38.44 -19.22 6.77
CA ALA E 23 37.64 -20.10 7.62
C ALA E 23 36.51 -19.38 8.36
N LYS E 24 35.35 -20.01 8.45
CA LYS E 24 34.32 -19.58 9.42
C LYS E 24 34.17 -20.65 10.49
N ASP E 26 31.83 -22.09 13.88
CA ASP E 26 30.48 -22.11 14.40
C ASP E 26 30.53 -22.64 15.82
N GLU E 28 28.29 -23.55 17.82
CA GLU E 28 27.25 -24.50 18.12
C GLU E 28 27.79 -25.92 17.97
N THR E 29 28.59 -26.12 16.93
CA THR E 29 29.12 -27.42 16.55
C THR E 29 30.63 -27.59 16.73
N GLY E 30 31.36 -26.49 16.86
CA GLY E 30 32.82 -26.48 16.94
C GLY E 30 33.53 -26.60 15.60
N GLN E 31 32.78 -26.58 14.51
CA GLN E 31 33.36 -26.82 13.19
C GLN E 31 34.00 -25.62 12.54
N VAL E 32 35.11 -25.83 11.86
CA VAL E 32 35.78 -24.76 11.17
C VAL E 32 35.53 -25.12 9.73
N ILE E 33 34.99 -24.21 8.93
CA ILE E 33 34.65 -24.63 7.57
C ILE E 33 35.11 -23.63 6.49
N GLN E 34 35.86 -24.13 5.50
N GLN E 34 35.72 -24.18 5.44
CA GLN E 34 36.34 -23.31 4.39
CA GLN E 34 36.29 -23.40 4.37
C GLN E 34 36.14 -24.02 3.06
C GLN E 34 35.79 -23.97 3.07
N PHE E 35 36.00 -23.23 1.99
CA PHE E 35 35.68 -23.72 0.65
C PHE E 35 36.89 -23.65 -0.26
N GLU E 36 36.97 -24.53 -1.24
CA GLU E 36 38.13 -24.54 -2.13
C GLU E 36 38.11 -23.37 -3.11
N GLY E 37 39.24 -22.67 -3.20
CA GLY E 37 39.46 -21.71 -4.25
C GLY E 37 40.20 -22.31 -5.44
N ASP E 38 40.68 -21.45 -6.32
CA ASP E 38 41.18 -21.86 -7.62
C ASP E 38 42.70 -21.87 -7.67
N SER E 39 43.33 -21.43 -6.58
CA SER E 39 44.79 -21.41 -6.45
C SER E 39 45.45 -20.98 -7.75
N ARG E 40 45.05 -19.81 -8.26
CA ARG E 40 45.72 -19.25 -9.43
C ARG E 40 45.77 -17.74 -9.33
N GLU E 41 46.65 -17.12 -10.10
CA GLU E 41 46.59 -15.68 -10.31
C GLU E 41 45.76 -15.35 -11.54
N PHE E 42 45.90 -14.12 -12.05
CA PHE E 42 45.18 -13.71 -13.24
C PHE E 42 45.80 -14.35 -14.49
N THR E 43 44.97 -14.93 -15.34
CA THR E 43 45.43 -15.43 -16.63
C THR E 43 44.24 -15.75 -17.54
N PRO E 44 44.37 -15.40 -18.81
CA PRO E 44 43.26 -15.59 -19.74
C PRO E 44 43.17 -17.04 -20.22
N HIS E 45 44.07 -17.89 -19.73
CA HIS E 45 44.32 -19.21 -20.33
C HIS E 45 43.74 -20.36 -19.50
N ALA E 46 42.59 -20.12 -18.88
CA ALA E 46 42.12 -20.98 -17.80
C ALA E 46 40.82 -21.72 -18.19
N VAL E 47 40.49 -21.69 -19.47
CA VAL E 47 39.28 -22.36 -19.97
C VAL E 47 39.36 -23.85 -19.70
N ASN E 48 38.24 -24.43 -19.27
CA ASN E 48 38.12 -25.88 -19.13
C ASN E 48 39.05 -26.43 -18.05
N THR E 49 39.65 -25.52 -17.30
CA THR E 49 40.68 -25.87 -16.36
C THR E 49 40.09 -26.12 -14.97
N ARG E 51 39.47 -24.04 -12.89
CA ARG E 51 40.02 -23.06 -11.97
C ARG E 51 39.25 -21.76 -12.02
N SER E 52 37.93 -21.84 -12.15
CA SER E 52 37.06 -20.69 -11.96
C SER E 52 35.73 -21.12 -11.34
N ARG E 53 35.11 -20.22 -10.57
CA ARG E 53 33.76 -20.43 -10.08
C ARG E 53 32.78 -20.26 -11.23
N VAL E 54 32.94 -19.18 -11.98
CA VAL E 54 32.16 -18.94 -13.16
C VAL E 54 33.09 -18.62 -14.32
N GLU E 55 32.79 -19.18 -15.49
CA GLU E 55 33.45 -18.80 -16.72
C GLU E 55 32.49 -18.71 -17.87
N GLN E 56 32.72 -17.71 -18.72
CA GLN E 56 31.86 -17.50 -19.86
C GLN E 56 32.68 -17.02 -21.04
N GLU E 57 32.41 -17.55 -22.24
CA GLU E 57 32.95 -17.00 -23.48
C GLU E 57 31.85 -16.79 -24.51
N VAL E 58 31.78 -15.58 -25.06
CA VAL E 58 30.87 -15.30 -26.18
C VAL E 58 31.78 -15.10 -27.36
N VAL E 59 31.43 -15.71 -28.49
CA VAL E 59 32.18 -15.53 -29.72
C VAL E 59 31.31 -14.94 -30.79
N VAL E 60 31.65 -13.76 -31.26
CA VAL E 60 30.88 -13.23 -32.35
C VAL E 60 31.61 -13.53 -33.62
N ASP E 61 30.85 -14.07 -34.57
CA ASP E 61 31.39 -14.58 -35.80
C ASP E 61 30.80 -13.83 -36.95
N PHE E 62 31.61 -12.95 -37.52
CA PHE E 62 31.14 -11.99 -38.49
C PHE E 62 31.05 -12.62 -39.86
N TYR E 63 31.51 -13.85 -39.98
CA TYR E 63 31.56 -14.48 -41.29
C TYR E 63 30.29 -15.28 -41.54
N LYS E 64 29.78 -15.92 -40.50
CA LYS E 64 28.51 -16.63 -40.59
C LYS E 64 27.39 -15.75 -40.05
N GLN E 65 27.77 -14.61 -39.46
CA GLN E 65 26.88 -13.78 -38.63
C GLN E 65 26.16 -14.59 -37.56
N GLU E 66 26.92 -15.08 -36.59
CA GLU E 66 26.36 -15.81 -35.49
C GLU E 66 27.11 -15.47 -34.21
N VAL E 67 26.37 -15.46 -33.10
CA VAL E 67 27.00 -15.36 -31.79
C VAL E 67 26.85 -16.67 -31.06
N PHE E 68 27.96 -17.28 -30.67
CA PHE E 68 27.94 -18.52 -29.91
C PHE E 68 28.33 -18.24 -28.45
N SER E 69 27.95 -19.09 -27.52
CA SER E 69 28.34 -18.81 -26.11
C SER E 69 28.57 -20.06 -25.34
N TYR E 70 29.47 -20.03 -24.37
CA TYR E 70 29.85 -21.18 -23.62
C TYR E 70 29.83 -20.69 -22.22
N ALA E 71 29.32 -21.51 -21.31
CA ALA E 71 29.11 -21.15 -19.91
C ALA E 71 29.55 -22.27 -18.99
N ASN E 72 30.23 -21.98 -17.90
CA ASN E 72 30.48 -23.02 -16.94
C ASN E 72 30.69 -22.55 -15.56
N THR E 73 30.41 -23.41 -14.60
CA THR E 73 30.70 -23.15 -13.22
C THR E 73 31.78 -24.13 -12.83
N GLY E 74 32.46 -23.84 -11.73
CA GLY E 74 33.43 -24.78 -11.19
C GLY E 74 32.77 -25.75 -10.26
N ILE E 75 33.54 -26.70 -9.74
CA ILE E 75 33.09 -27.56 -8.64
C ILE E 75 33.20 -26.80 -7.31
N THR E 76 32.18 -26.84 -6.48
CA THR E 76 32.32 -26.36 -5.11
C THR E 76 32.71 -27.51 -4.20
N THR E 77 33.70 -27.25 -3.36
CA THR E 77 34.13 -28.22 -2.35
C THR E 77 34.28 -27.60 -0.99
N GLU E 78 33.46 -28.05 -0.03
CA GLU E 78 33.61 -27.59 1.36
C GLU E 78 34.43 -28.59 2.16
N LYS E 79 35.42 -28.07 2.88
CA LYS E 79 36.16 -28.82 3.88
C LYS E 79 35.61 -28.48 5.26
N VAL E 80 35.09 -29.46 5.97
CA VAL E 80 34.65 -29.21 7.35
C VAL E 80 35.57 -29.91 8.35
N ILE E 81 36.27 -29.13 9.17
CA ILE E 81 37.10 -29.74 10.21
C ILE E 81 36.32 -29.87 11.49
N SER E 82 36.12 -31.09 11.95
CA SER E 82 35.38 -31.32 13.17
C SER E 82 36.18 -31.04 14.43
N PRO E 83 35.47 -30.83 15.55
CA PRO E 83 36.14 -30.47 16.77
C PRO E 83 37.20 -31.46 17.12
N ASP E 84 37.14 -32.65 16.54
CA ASP E 84 38.02 -33.71 16.95
C ASP E 84 39.13 -33.92 15.95
N GLY E 85 39.26 -33.08 14.94
CA GLY E 85 40.34 -33.25 13.99
C GLY E 85 39.91 -33.75 12.63
N SER E 86 38.97 -34.69 12.59
CA SER E 86 38.57 -35.33 11.34
C SER E 86 38.03 -34.33 10.34
N VAL E 87 38.36 -34.52 9.07
CA VAL E 87 37.88 -33.63 8.03
C VAL E 87 36.86 -34.33 7.12
N ASN E 88 35.92 -33.58 6.58
N ASN E 88 35.90 -33.57 6.62
CA ASN E 88 34.93 -34.16 5.66
CA ASN E 88 34.94 -34.07 5.67
C ASN E 88 34.55 -33.23 4.51
C ASN E 88 34.81 -33.13 4.48
N LYS E 89 34.76 -33.71 3.29
CA LYS E 89 34.50 -32.95 2.08
C LYS E 89 33.15 -33.33 1.46
N ARG E 90 32.41 -32.32 1.00
CA ARG E 90 31.25 -32.51 0.12
C ARG E 90 31.56 -31.73 -1.16
N THR E 91 31.00 -32.19 -2.28
CA THR E 91 31.15 -31.45 -3.52
C THR E 91 29.79 -31.31 -4.20
N GLY E 92 29.54 -30.14 -4.77
CA GLY E 92 28.39 -29.98 -5.66
C GLY E 92 28.88 -29.12 -6.79
N LYS E 93 28.03 -28.94 -7.80
CA LYS E 93 28.35 -28.07 -8.92
C LYS E 93 27.19 -27.15 -9.19
N ALA E 94 27.44 -25.85 -9.02
CA ALA E 94 26.47 -24.77 -9.31
C ALA E 94 25.76 -24.92 -10.66
N SER E 95 24.51 -24.55 -10.78
CA SER E 95 23.85 -24.65 -12.08
C SER E 95 24.34 -23.55 -13.03
N THR E 96 24.37 -23.82 -14.33
CA THR E 96 24.78 -22.76 -15.27
C THR E 96 23.57 -22.11 -15.94
N GLU E 97 22.40 -22.34 -15.36
N GLU E 97 22.36 -22.36 -15.43
CA GLU E 97 21.11 -21.95 -15.92
CA GLU E 97 21.15 -21.91 -16.11
C GLU E 97 20.97 -20.41 -16.09
C GLU E 97 21.08 -20.37 -16.23
N ASN E 98 21.74 -19.67 -15.32
CA ASN E 98 21.73 -18.20 -15.28
C ASN E 98 23.02 -17.54 -15.73
N ILE E 99 23.77 -18.22 -16.57
CA ILE E 99 24.91 -17.61 -17.18
C ILE E 99 24.58 -17.61 -18.63
N VAL E 100 24.25 -16.45 -19.17
CA VAL E 100 23.62 -16.43 -20.49
C VAL E 100 24.11 -15.25 -21.33
N CYS E 101 23.74 -15.28 -22.59
CA CYS E 101 24.10 -14.24 -23.49
C CYS E 101 22.83 -13.88 -24.19
N THR E 102 22.36 -12.64 -24.07
CA THR E 102 21.02 -12.30 -24.54
C THR E 102 21.01 -10.97 -25.23
N ASP E 103 19.86 -10.61 -25.79
CA ASP E 103 19.65 -9.28 -26.39
C ASP E 103 20.53 -9.01 -27.56
N ILE E 104 20.82 -10.03 -28.36
CA ILE E 104 21.61 -9.86 -29.58
C ILE E 104 20.91 -8.88 -30.55
N VAL E 105 21.57 -7.78 -30.89
CA VAL E 105 21.07 -6.89 -31.94
C VAL E 105 22.15 -6.68 -32.97
N TRP E 106 21.84 -6.94 -34.23
CA TRP E 106 22.83 -6.88 -35.32
C TRP E 106 22.51 -5.67 -36.14
N ASN E 107 23.52 -5.05 -36.72
CA ASN E 107 23.39 -4.10 -37.83
C ASN E 107 24.61 -4.19 -38.73
N SER E 108 24.71 -3.27 -39.70
CA SER E 108 25.83 -3.26 -40.65
C SER E 108 27.14 -3.06 -39.92
N GLY E 109 27.12 -2.19 -38.90
CA GLY E 109 28.28 -1.80 -38.10
C GLY E 109 28.94 -2.92 -37.33
N GLY E 110 28.16 -3.90 -36.83
CA GLY E 110 28.63 -4.87 -35.84
C GLY E 110 27.44 -5.41 -35.07
N VAL E 111 27.62 -5.73 -33.78
CA VAL E 111 26.57 -6.38 -33.00
C VAL E 111 26.65 -6.01 -31.55
N GLN E 112 25.51 -5.94 -30.85
CA GLN E 112 25.54 -5.77 -29.39
C GLN E 112 24.82 -6.91 -28.79
N PHE E 113 25.25 -7.29 -27.60
CA PHE E 113 24.53 -8.25 -26.79
C PHE E 113 24.82 -8.00 -25.32
N LYS E 114 24.10 -8.67 -24.45
CA LYS E 114 24.41 -8.58 -23.03
C LYS E 114 24.83 -9.95 -22.48
N SER E 116 25.27 -11.94 -18.86
CA SER E 116 24.99 -11.94 -17.42
C SER E 116 25.36 -13.28 -16.89
N ALA E 117 25.87 -13.27 -15.68
CA ALA E 117 26.19 -14.43 -14.91
C ALA E 117 25.63 -14.17 -13.54
N SER E 118 25.07 -15.24 -13.00
CA SER E 118 24.66 -15.33 -11.62
C SER E 118 24.87 -16.81 -11.26
N ALA E 119 25.54 -17.07 -10.15
CA ALA E 119 25.71 -18.45 -9.71
C ALA E 119 25.70 -18.61 -8.19
N SER E 120 24.89 -19.56 -7.72
CA SER E 120 24.74 -19.79 -6.31
C SER E 120 25.85 -20.70 -5.85
N ASN E 121 26.06 -20.76 -4.55
CA ASN E 121 26.76 -21.87 -3.93
C ASN E 121 25.80 -23.03 -3.69
N PRO E 122 26.09 -24.19 -4.30
N PRO E 122 26.13 -24.20 -4.21
CA PRO E 122 25.08 -25.21 -4.56
CA PRO E 122 25.27 -25.36 -4.04
C PRO E 122 24.87 -26.11 -3.35
C PRO E 122 25.37 -25.96 -2.63
N LEU E 123 25.71 -25.93 -2.33
N LEU E 123 26.38 -25.55 -1.86
CA LEU E 123 25.50 -26.58 -1.04
CA LEU E 123 26.65 -26.17 -0.56
C LEU E 123 24.60 -25.72 -0.18
C LEU E 123 26.60 -25.16 0.58
N ASN E 124 24.61 -24.42 -0.42
N ASN E 124 26.75 -23.88 0.25
CA ASN E 124 23.80 -23.46 0.35
CA ASN E 124 26.53 -22.78 1.22
C ASN E 124 22.75 -22.81 -0.55
C ASN E 124 25.30 -21.91 0.87
N VAL E 125 21.50 -23.31 -0.50
N VAL E 125 24.21 -22.08 1.63
CA VAL E 125 20.48 -22.79 -1.41
CA VAL E 125 22.92 -21.53 1.21
C VAL E 125 20.35 -21.27 -1.28
C VAL E 125 22.84 -20.08 1.70
N TYR E 126 20.45 -20.78 -0.05
N TYR E 126 23.67 -19.77 2.70
CA TYR E 126 20.01 -19.43 0.20
CA TYR E 126 23.74 -18.40 3.22
C TYR E 126 21.20 -18.45 0.30
C TYR E 126 24.65 -17.50 2.35
N ALA E 127 22.37 -18.95 -0.09
N ALA E 127 24.92 -17.97 1.13
CA ALA E 127 23.53 -18.08 -0.21
CA ALA E 127 25.64 -17.16 0.16
C ALA E 127 23.39 -17.10 -1.40
C ALA E 127 24.73 -16.80 -0.99
N PRO E 128 23.94 -15.89 -1.24
N PRO E 128 24.41 -15.51 -1.10
CA PRO E 128 23.89 -14.86 -2.29
CA PRO E 128 23.81 -14.95 -2.30
C PRO E 128 24.73 -15.26 -3.52
C PRO E 128 24.69 -15.27 -3.50
N PRO E 129 24.11 -15.23 -4.71
CA PRO E 129 24.88 -15.50 -5.95
C PRO E 129 25.98 -14.46 -6.25
N VAL E 130 27.09 -14.88 -6.89
CA VAL E 130 28.00 -13.88 -7.54
C VAL E 130 27.34 -13.39 -8.79
N ASP E 131 27.56 -12.12 -9.11
CA ASP E 131 26.90 -11.52 -10.25
C ASP E 131 27.83 -10.66 -11.06
N TYR E 132 27.74 -10.78 -12.39
CA TYR E 132 28.26 -9.74 -13.28
C TYR E 132 27.31 -9.55 -14.44
N VAL E 133 27.33 -8.38 -15.06
CA VAL E 133 26.51 -8.13 -16.25
C VAL E 133 27.26 -7.18 -17.14
N LEU E 134 27.56 -7.62 -18.35
CA LEU E 134 28.31 -6.81 -19.30
C LEU E 134 27.49 -6.43 -20.49
N ASN E 135 27.47 -5.15 -20.80
CA ASN E 135 26.91 -4.69 -22.06
C ASN E 135 28.01 -4.44 -23.08
N VAL E 136 28.10 -5.31 -24.07
CA VAL E 136 29.23 -5.26 -24.97
C VAL E 136 28.81 -4.91 -26.38
N CYS E 137 29.53 -3.96 -26.96
CA CYS E 137 29.37 -3.66 -28.37
C CYS E 137 30.59 -4.15 -29.17
N VAL E 138 30.37 -4.96 -30.20
CA VAL E 138 31.46 -5.44 -31.04
C VAL E 138 31.37 -4.88 -32.44
N LYS E 139 32.40 -4.14 -32.87
CA LYS E 139 32.41 -3.55 -34.21
C LYS E 139 33.11 -4.45 -35.21
N LYS E 140 32.70 -4.35 -36.46
CA LYS E 140 33.28 -5.17 -37.52
C LYS E 140 34.78 -5.02 -37.67
N ASP E 141 35.32 -3.85 -37.39
CA ASP E 141 36.75 -3.64 -37.44
C ASP E 141 37.48 -4.31 -36.25
N GLY E 142 36.74 -4.91 -35.31
CA GLY E 142 37.37 -5.61 -34.22
C GLY E 142 37.32 -4.88 -32.88
N SER E 143 37.07 -3.59 -32.87
CA SER E 143 37.08 -2.87 -31.61
C SER E 143 35.80 -3.17 -30.84
N ILE E 144 35.87 -3.01 -29.52
CA ILE E 144 34.72 -3.28 -28.68
C ILE E 144 34.49 -2.18 -27.68
N ASP E 145 33.35 -2.22 -27.04
CA ASP E 145 32.97 -1.20 -26.12
C ASP E 145 32.08 -1.91 -25.10
N VAL E 146 32.48 -1.82 -23.83
CA VAL E 146 31.93 -2.64 -22.76
C VAL E 146 31.53 -1.78 -21.56
N GLN E 147 30.28 -1.89 -21.12
CA GLN E 147 29.86 -1.32 -19.86
C GLN E 147 29.58 -2.49 -18.95
N GLY E 148 30.28 -2.56 -17.82
CA GLY E 148 30.16 -3.71 -16.95
C GLY E 148 29.73 -3.29 -15.59
N GLU E 149 29.16 -4.26 -14.88
CA GLU E 149 28.79 -4.17 -13.47
C GLU E 149 29.22 -5.48 -12.87
N HIS E 150 29.65 -5.50 -11.60
CA HIS E 150 29.89 -6.77 -10.89
C HIS E 150 29.87 -6.64 -9.37
N ASP E 151 29.64 -7.77 -8.68
CA ASP E 151 29.78 -7.84 -7.21
C ASP E 151 31.25 -7.59 -6.85
N GLY E 152 31.53 -7.21 -5.60
CA GLY E 152 32.85 -6.76 -5.23
C GLY E 152 33.77 -7.90 -4.84
N PHE E 153 33.32 -9.13 -5.07
CA PHE E 153 34.04 -10.31 -4.64
C PHE E 153 33.48 -11.54 -5.36
N PRO E 154 34.35 -12.48 -5.71
CA PRO E 154 35.79 -12.39 -5.49
C PRO E 154 36.46 -11.65 -6.66
N CYS E 155 37.28 -12.37 -7.44
CA CYS E 155 38.05 -11.76 -8.50
C CYS E 155 37.37 -11.84 -9.86
N PHE E 156 37.56 -10.82 -10.68
CA PHE E 156 36.94 -10.77 -11.99
C PHE E 156 37.96 -10.41 -13.06
N GLU E 157 37.99 -11.20 -14.15
CA GLU E 157 38.83 -10.87 -15.28
C GLU E 157 38.05 -10.97 -16.58
N PHE E 158 38.20 -9.97 -17.44
CA PHE E 158 37.60 -10.00 -18.75
C PHE E 158 38.65 -9.76 -19.84
N TYR E 159 38.60 -10.55 -20.91
CA TYR E 159 39.53 -10.41 -21.99
C TYR E 159 38.88 -10.51 -23.36
N LYS E 160 39.56 -9.96 -24.36
CA LYS E 160 39.14 -10.00 -25.77
C LYS E 160 40.22 -10.66 -26.63
N GLN E 161 39.79 -11.37 -27.67
CA GLN E 161 40.68 -12.08 -28.57
C GLN E 161 40.13 -12.03 -30.00
N VAL E 162 40.88 -11.50 -30.97
CA VAL E 162 40.32 -11.48 -32.34
C VAL E 162 41.08 -12.34 -33.32
N ASP E 163 40.32 -13.00 -34.19
CA ASP E 163 40.90 -13.81 -35.25
C ASP E 163 42.05 -14.70 -34.75
N PHE E 164 41.79 -15.42 -33.64
CA PHE E 164 42.70 -16.36 -32.98
C PHE E 164 44.00 -15.69 -32.54
N GLY E 165 44.02 -14.35 -32.46
CA GLY E 165 45.23 -13.63 -32.05
C GLY E 165 45.59 -13.80 -30.59
N PRO E 166 46.52 -12.98 -30.06
CA PRO E 166 46.76 -13.03 -28.60
C PRO E 166 45.58 -12.48 -27.80
N PHE E 167 45.49 -12.79 -26.51
CA PHE E 167 44.47 -12.19 -25.64
C PHE E 167 44.82 -10.74 -25.27
N GLU E 168 43.79 -9.94 -24.94
CA GLU E 168 43.98 -8.58 -24.40
C GLU E 168 43.08 -8.38 -23.20
N LYS E 169 43.61 -7.72 -22.17
CA LYS E 169 42.87 -7.48 -20.94
C LYS E 169 41.85 -6.39 -21.20
N ILE E 170 40.61 -6.60 -20.76
CA ILE E 170 39.59 -5.59 -20.88
C ILE E 170 39.54 -4.90 -19.54
N TYR E 171 39.36 -5.69 -18.48
CA TYR E 171 39.24 -5.20 -17.14
C TYR E 171 39.51 -6.31 -16.14
N THR E 172 40.08 -5.96 -14.98
CA THR E 172 40.17 -6.91 -13.87
C THR E 172 39.84 -6.28 -12.54
N HIS E 173 39.32 -7.11 -11.65
CA HIS E 173 39.00 -6.71 -10.29
C HIS E 173 39.61 -7.72 -9.35
N ASP E 174 40.47 -7.18 -8.50
CA ASP E 174 41.11 -7.94 -7.46
C ASP E 174 40.57 -7.47 -6.11
N PHE E 175 39.68 -8.25 -5.51
CA PHE E 175 39.03 -7.83 -4.27
C PHE E 175 40.03 -7.57 -3.16
N ARG E 176 41.21 -8.16 -3.26
CA ARG E 176 42.17 -7.88 -2.21
C ARG E 176 43.02 -6.62 -2.41
N GLU E 177 43.08 -6.06 -3.60
CA GLU E 177 43.59 -4.68 -3.69
C GLU E 177 42.55 -3.71 -3.14
N THR E 178 41.27 -4.05 -3.28
CA THR E 178 40.22 -3.06 -3.09
C THR E 178 39.55 -3.21 -1.74
N GLY E 179 39.96 -4.23 -1.01
CA GLY E 179 39.53 -4.43 0.36
C GLY E 179 38.08 -4.79 0.49
N ASP E 180 37.56 -5.59 -0.44
CA ASP E 180 36.22 -6.11 -0.30
C ASP E 180 36.24 -7.48 0.38
N THR E 181 35.05 -7.99 0.68
CA THR E 181 34.90 -9.25 1.39
C THR E 181 33.74 -10.06 0.82
N ALA E 182 33.57 -11.29 1.31
CA ALA E 182 32.50 -12.17 0.80
C ALA E 182 31.08 -11.62 1.02
N ALA E 183 30.98 -10.54 1.76
CA ALA E 183 29.69 -9.88 1.97
C ALA E 183 29.25 -9.18 0.69
N ALA E 184 30.22 -8.77 -0.12
CA ALA E 184 29.95 -7.96 -1.31
C ALA E 184 29.22 -8.80 -2.35
N LEU E 185 29.21 -10.10 -2.12
CA LEU E 185 28.40 -11.03 -2.88
C LEU E 185 26.94 -10.68 -2.84
N GLY E 186 26.50 -10.02 -1.77
CA GLY E 186 25.09 -9.84 -1.47
C GLY E 186 24.59 -8.51 -1.99
N GLY E 187 23.29 -8.28 -1.84
CA GLY E 187 22.68 -7.05 -2.36
C GLY E 187 22.98 -6.74 -3.83
N ASN E 188 23.45 -5.53 -4.10
CA ASN E 188 23.64 -5.09 -5.48
C ASN E 188 25.06 -5.18 -6.03
N ASP E 190 28.17 -3.86 -6.66
CA ASP E 190 28.81 -2.69 -6.06
C ASP E 190 29.72 -1.94 -7.05
N TYR E 191 30.38 -2.65 -7.93
CA TYR E 191 31.34 -2.01 -8.86
C TYR E 191 30.83 -1.91 -10.28
N SER E 192 31.25 -0.88 -10.99
CA SER E 192 30.98 -0.86 -12.41
C SER E 192 32.15 -0.24 -13.18
N PHE E 193 32.21 -0.50 -14.49
CA PHE E 193 33.31 -0.02 -15.28
C PHE E 193 32.91 0.08 -16.73
N THR E 194 33.73 0.82 -17.46
CA THR E 194 33.47 1.13 -18.82
C THR E 194 34.76 1.09 -19.67
N LYS E 195 34.71 0.41 -20.81
CA LYS E 195 35.94 0.09 -21.52
C LYS E 195 35.80 0.04 -23.03
N ARG E 196 36.72 0.71 -23.72
CA ARG E 196 36.81 0.68 -25.17
C ARG E 196 38.18 0.18 -25.55
N LEU E 197 38.29 -0.93 -26.27
CA LEU E 197 39.64 -1.35 -26.70
C LEU E 197 39.82 -2.18 -28.00
N THR F 5 55.37 -28.54 -11.44
CA THR F 5 54.24 -28.23 -12.37
C THR F 5 52.87 -28.80 -11.96
N ASN F 6 51.83 -27.96 -12.08
CA ASN F 6 50.49 -28.22 -11.53
C ASN F 6 49.34 -28.51 -12.48
N ILE F 7 49.36 -27.81 -13.61
CA ILE F 7 48.32 -28.01 -14.60
C ILE F 7 48.93 -28.25 -15.97
N ILE F 8 48.54 -29.34 -16.60
CA ILE F 8 48.84 -29.49 -18.00
C ILE F 8 47.55 -29.90 -18.74
N LYS F 9 47.29 -29.23 -19.86
CA LYS F 9 46.12 -29.49 -20.69
C LYS F 9 46.49 -30.08 -22.06
N ILE F 10 45.70 -31.04 -22.53
CA ILE F 10 45.86 -31.56 -23.88
C ILE F 10 44.68 -31.12 -24.73
N ARG F 11 44.92 -30.48 -25.87
CA ARG F 11 43.82 -30.05 -26.76
C ARG F 11 43.78 -30.87 -28.02
N ALA F 12 42.56 -31.22 -28.43
CA ALA F 12 42.35 -31.99 -29.68
C ALA F 12 41.31 -31.29 -30.55
N SER F 13 41.58 -31.24 -31.85
CA SER F 13 40.72 -30.47 -32.72
C SER F 13 40.69 -31.04 -34.10
N VAL F 14 39.48 -31.26 -34.58
CA VAL F 14 39.27 -31.77 -35.95
C VAL F 14 38.53 -30.71 -36.72
N PHE F 15 39.03 -30.37 -37.91
CA PHE F 15 38.44 -29.29 -38.70
C PHE F 15 38.63 -29.37 -40.22
N ILE F 16 37.68 -28.79 -40.94
CA ILE F 16 37.77 -28.70 -42.39
C ILE F 16 38.23 -27.28 -42.69
N PRO F 17 39.42 -27.14 -43.27
CA PRO F 17 39.98 -25.80 -43.41
C PRO F 17 39.29 -24.89 -44.39
N SER F 19 35.90 -23.13 -46.51
CA SER F 19 34.60 -22.64 -46.11
C SER F 19 33.52 -23.64 -46.35
N TRP F 20 33.66 -24.38 -47.46
CA TRP F 20 32.69 -25.38 -47.87
C TRP F 20 33.45 -26.62 -48.32
N THR F 21 32.89 -27.78 -48.00
CA THR F 21 33.40 -29.03 -48.57
C THR F 21 33.33 -28.98 -50.10
N GLU F 22 34.17 -29.79 -50.76
CA GLU F 22 34.11 -29.83 -52.22
C GLU F 22 32.78 -30.42 -52.73
N ALA F 23 32.24 -29.79 -53.76
CA ALA F 23 30.87 -30.06 -54.20
C ALA F 23 30.61 -31.46 -54.67
N LYS F 24 29.46 -32.02 -54.34
CA LYS F 24 28.99 -33.23 -55.03
C LYS F 24 27.78 -32.87 -55.86
N ASP F 26 24.62 -33.90 -58.83
CA ASP F 26 23.83 -34.98 -59.41
C ASP F 26 23.53 -34.61 -60.84
N GLU F 28 21.94 -35.42 -63.57
CA GLU F 28 20.68 -35.34 -64.29
C GLU F 28 19.90 -34.11 -63.81
N THR F 29 19.81 -33.97 -62.50
CA THR F 29 19.08 -32.87 -61.87
C THR F 29 19.85 -31.53 -61.92
N GLY F 30 21.19 -31.57 -61.89
CA GLY F 30 21.98 -30.34 -61.79
C GLY F 30 22.22 -29.91 -60.33
N GLN F 31 21.53 -30.55 -59.40
CA GLN F 31 21.67 -30.26 -57.98
C GLN F 31 23.10 -30.43 -57.44
N VAL F 32 23.51 -29.57 -56.52
CA VAL F 32 24.88 -29.52 -56.05
C VAL F 32 24.83 -29.43 -54.52
N ILE F 33 25.66 -30.21 -53.83
CA ILE F 33 25.53 -30.35 -52.41
C ILE F 33 26.87 -30.03 -51.74
N GLN F 34 26.83 -29.24 -50.66
CA GLN F 34 28.04 -28.92 -49.91
C GLN F 34 27.81 -28.81 -48.41
N PHE F 35 28.87 -29.05 -47.66
CA PHE F 35 28.81 -28.97 -46.21
C PHE F 35 29.67 -27.81 -45.75
N GLU F 36 29.24 -27.05 -44.74
CA GLU F 36 30.05 -25.94 -44.30
C GLU F 36 31.29 -26.42 -43.58
N GLY F 37 32.44 -25.80 -43.87
CA GLY F 37 33.67 -26.06 -43.16
C GLY F 37 33.96 -24.98 -42.14
N ASP F 38 35.21 -24.88 -41.69
CA ASP F 38 35.59 -24.03 -40.59
C ASP F 38 36.36 -22.81 -41.06
N SER F 39 36.69 -22.77 -42.34
CA SER F 39 37.44 -21.64 -42.91
C SER F 39 38.51 -21.13 -41.96
N ARG F 40 39.52 -21.95 -41.70
CA ARG F 40 40.63 -21.55 -40.86
C ARG F 40 41.82 -22.47 -41.08
N GLU F 41 43.00 -22.01 -40.69
CA GLU F 41 44.18 -22.88 -40.69
C GLU F 41 44.47 -23.44 -39.30
N PHE F 42 45.65 -24.05 -39.14
CA PHE F 42 46.04 -24.67 -37.88
C PHE F 42 46.27 -23.61 -36.80
N THR F 43 45.58 -23.77 -35.67
CA THR F 43 45.66 -22.79 -34.60
C THR F 43 45.12 -23.38 -33.30
N PRO F 44 45.82 -23.09 -32.20
CA PRO F 44 45.45 -23.62 -30.89
C PRO F 44 44.26 -22.90 -30.27
N HIS F 45 43.94 -21.71 -30.78
CA HIS F 45 43.10 -20.77 -30.06
C HIS F 45 41.65 -20.85 -30.47
N ALA F 46 41.21 -22.03 -30.84
CA ALA F 46 39.94 -22.17 -31.55
C ALA F 46 38.82 -22.63 -30.62
N VAL F 47 39.05 -22.61 -29.31
CA VAL F 47 38.06 -23.13 -28.37
C VAL F 47 36.74 -22.36 -28.41
N ASN F 48 35.62 -23.08 -28.33
CA ASN F 48 34.31 -22.45 -28.15
C ASN F 48 33.97 -21.56 -29.34
N THR F 49 34.75 -21.69 -30.40
CA THR F 49 34.63 -20.84 -31.56
C THR F 49 33.69 -21.43 -32.60
N ARG F 51 34.61 -23.38 -34.73
CA ARG F 51 35.39 -23.63 -35.93
C ARG F 51 36.04 -25.01 -35.88
N SER F 52 35.28 -26.00 -35.41
CA SER F 52 35.73 -27.39 -35.44
C SER F 52 34.59 -28.37 -35.60
N ARG F 53 34.83 -29.46 -36.32
CA ARG F 53 33.91 -30.59 -36.31
C ARG F 53 33.88 -31.19 -34.91
N VAL F 54 35.04 -31.56 -34.38
CA VAL F 54 35.18 -32.09 -33.02
C VAL F 54 36.25 -31.30 -32.25
N GLU F 55 36.06 -31.18 -30.95
CA GLU F 55 36.89 -30.36 -30.09
C GLU F 55 36.91 -31.08 -28.79
N GLN F 56 38.09 -31.31 -28.24
CA GLN F 56 38.18 -31.95 -26.94
C GLN F 56 39.40 -31.45 -26.17
N GLU F 57 39.19 -31.17 -24.87
CA GLU F 57 40.27 -30.80 -23.94
C GLU F 57 40.27 -31.69 -22.68
N VAL F 58 41.43 -32.24 -22.36
CA VAL F 58 41.61 -32.94 -21.10
C VAL F 58 42.63 -32.19 -20.23
N VAL F 59 42.22 -31.91 -19.00
CA VAL F 59 43.06 -31.17 -18.07
C VAL F 59 43.45 -32.04 -16.88
N VAL F 60 44.74 -32.34 -16.76
CA VAL F 60 45.22 -33.03 -15.58
C VAL F 60 45.70 -32.01 -14.54
N ASP F 61 45.16 -32.16 -13.34
CA ASP F 61 45.45 -31.27 -12.26
C ASP F 61 46.15 -32.01 -11.13
N PHE F 62 47.46 -31.85 -11.10
CA PHE F 62 48.32 -32.56 -10.13
C PHE F 62 48.13 -32.03 -8.72
N TYR F 63 47.82 -30.73 -8.61
CA TYR F 63 47.53 -30.08 -7.36
C TYR F 63 46.26 -30.62 -6.67
N LYS F 64 45.25 -30.99 -7.44
CA LYS F 64 44.02 -31.56 -6.89
C LYS F 64 43.95 -33.10 -7.01
N GLN F 65 44.90 -33.71 -7.74
N GLN F 65 44.95 -33.68 -7.70
CA GLN F 65 44.81 -35.13 -8.15
CA GLN F 65 44.91 -35.04 -8.27
C GLN F 65 43.53 -35.39 -8.92
C GLN F 65 43.57 -35.35 -8.92
N GLU F 66 43.33 -34.65 -10.03
CA GLU F 66 42.09 -34.72 -10.77
C GLU F 66 42.29 -34.62 -12.26
N VAL F 67 41.38 -35.26 -12.97
CA VAL F 67 41.30 -35.08 -14.41
C VAL F 67 39.91 -34.62 -14.82
N PHE F 68 39.84 -33.47 -15.48
CA PHE F 68 38.60 -32.97 -16.04
C PHE F 68 38.61 -32.96 -17.56
N SER F 69 37.44 -32.92 -18.16
CA SER F 69 37.43 -32.93 -19.62
C SER F 69 36.32 -32.12 -20.27
N TYR F 70 36.57 -31.64 -21.48
CA TYR F 70 35.56 -30.91 -22.19
C TYR F 70 35.52 -31.54 -23.56
N ALA F 71 34.32 -31.63 -24.12
CA ALA F 71 34.15 -32.17 -25.45
C ALA F 71 33.01 -31.43 -26.18
N ASN F 72 33.15 -31.25 -27.49
CA ASN F 72 32.10 -30.57 -28.22
C ASN F 72 32.12 -30.87 -29.70
N THR F 73 31.00 -30.71 -30.37
CA THR F 73 30.94 -30.86 -31.81
C THR F 73 30.52 -29.53 -32.44
N GLY F 74 30.97 -29.28 -33.66
CA GLY F 74 30.48 -28.13 -34.38
C GLY F 74 29.08 -28.38 -34.92
N ILE F 75 28.49 -27.35 -35.52
CA ILE F 75 27.21 -27.49 -36.16
C ILE F 75 27.42 -27.97 -37.60
N THR F 76 26.56 -28.86 -38.07
CA THR F 76 26.64 -29.32 -39.44
C THR F 76 25.65 -28.53 -40.31
N THR F 77 26.15 -27.94 -41.42
CA THR F 77 25.29 -27.23 -42.38
C THR F 77 25.35 -27.75 -43.81
N GLU F 78 24.20 -28.20 -44.28
CA GLU F 78 24.13 -28.76 -45.61
C GLU F 78 23.50 -27.67 -46.45
N LYS F 79 24.24 -27.27 -47.49
CA LYS F 79 23.81 -26.28 -48.47
C LYS F 79 23.45 -26.98 -49.80
N VAL F 80 22.23 -26.81 -50.29
CA VAL F 80 21.84 -27.45 -51.56
C VAL F 80 21.55 -26.35 -52.58
N ILE F 81 22.26 -26.36 -53.70
CA ILE F 81 21.98 -25.44 -54.83
C ILE F 81 21.18 -26.15 -55.91
N SER F 82 19.99 -25.63 -56.21
CA SER F 82 19.13 -26.24 -57.22
C SER F 82 19.52 -25.80 -58.62
N PRO F 83 19.05 -26.53 -59.62
CA PRO F 83 19.36 -26.19 -61.01
C PRO F 83 19.00 -24.73 -61.30
N ASP F 84 17.96 -24.20 -60.66
CA ASP F 84 17.51 -22.83 -60.88
C ASP F 84 18.22 -21.82 -59.98
N GLY F 85 19.24 -22.28 -59.27
CA GLY F 85 20.08 -21.39 -58.47
C GLY F 85 19.49 -21.07 -57.12
N SER F 86 18.30 -21.62 -56.84
CA SER F 86 17.73 -21.58 -55.51
C SER F 86 18.65 -22.31 -54.51
N VAL F 87 18.87 -21.71 -53.34
CA VAL F 87 19.72 -22.36 -52.32
C VAL F 87 18.94 -22.63 -51.05
N ASN F 88 19.12 -23.80 -50.49
N ASN F 88 19.10 -23.82 -50.50
CA ASN F 88 18.44 -24.18 -49.26
CA ASN F 88 18.47 -24.18 -49.23
C ASN F 88 19.45 -24.78 -48.27
C ASN F 88 19.53 -24.72 -48.28
N LYS F 89 19.41 -24.35 -47.02
CA LYS F 89 20.32 -24.83 -45.96
C LYS F 89 19.62 -25.70 -44.93
N ARG F 90 20.35 -26.61 -44.30
CA ARG F 90 19.86 -27.44 -43.18
C ARG F 90 20.99 -27.46 -42.16
N THR F 91 20.59 -27.60 -40.90
CA THR F 91 21.41 -27.43 -39.74
C THR F 91 21.21 -28.67 -38.88
N GLY F 92 22.25 -29.15 -38.22
CA GLY F 92 22.09 -30.23 -37.24
C GLY F 92 23.35 -30.25 -36.41
N LYS F 93 23.30 -30.85 -35.24
CA LYS F 93 24.47 -30.89 -34.35
C LYS F 93 24.76 -32.29 -33.87
N ALA F 94 25.91 -32.81 -34.25
CA ALA F 94 26.33 -34.14 -33.90
C ALA F 94 26.29 -34.30 -32.40
N SER F 95 25.88 -35.47 -31.93
CA SER F 95 25.90 -35.75 -30.51
C SER F 95 27.32 -35.83 -29.98
N THR F 96 27.54 -35.45 -28.72
CA THR F 96 28.88 -35.60 -28.15
C THR F 96 29.05 -36.90 -27.33
N GLU F 97 28.04 -37.76 -27.38
CA GLU F 97 27.99 -38.94 -26.55
C GLU F 97 29.30 -39.78 -26.67
N ASN F 98 30.01 -39.65 -27.78
CA ASN F 98 31.22 -40.47 -27.96
C ASN F 98 32.54 -39.71 -28.04
N ILE F 99 32.57 -38.55 -27.39
CA ILE F 99 33.82 -37.91 -27.19
C ILE F 99 34.11 -38.03 -25.73
N VAL F 100 35.08 -38.86 -25.41
CA VAL F 100 35.24 -39.29 -24.04
C VAL F 100 36.67 -39.34 -23.60
N CYS F 101 36.85 -39.32 -22.29
CA CYS F 101 38.15 -39.45 -21.68
C CYS F 101 38.10 -40.57 -20.68
N THR F 102 38.78 -41.67 -20.98
CA THR F 102 38.44 -42.93 -20.36
C THR F 102 39.70 -43.69 -19.94
N ASP F 103 39.56 -44.62 -19.00
CA ASP F 103 40.66 -45.46 -18.56
C ASP F 103 41.69 -44.65 -17.82
N ILE F 104 41.21 -43.76 -16.97
CA ILE F 104 42.09 -42.93 -16.16
C ILE F 104 42.78 -43.75 -15.08
N VAL F 105 44.11 -43.75 -15.09
CA VAL F 105 44.89 -44.52 -14.12
C VAL F 105 45.91 -43.66 -13.41
N TRP F 106 45.72 -43.51 -12.11
CA TRP F 106 46.60 -42.69 -11.30
C TRP F 106 47.66 -43.55 -10.61
N ASN F 107 48.93 -43.27 -10.92
CA ASN F 107 50.02 -43.90 -10.18
C ASN F 107 51.06 -42.86 -9.75
N SER F 108 52.15 -43.31 -9.12
CA SER F 108 53.09 -42.39 -8.45
C SER F 108 53.68 -41.34 -9.42
N GLY F 109 54.05 -41.79 -10.62
CA GLY F 109 54.86 -40.99 -11.53
C GLY F 109 54.06 -39.90 -12.23
N GLY F 110 52.74 -40.06 -12.22
CA GLY F 110 51.82 -39.24 -13.03
C GLY F 110 50.49 -39.94 -13.27
N VAL F 111 49.95 -39.82 -14.48
CA VAL F 111 48.62 -40.34 -14.80
C VAL F 111 48.51 -40.75 -16.25
N GLN F 112 47.70 -41.78 -16.51
CA GLN F 112 47.44 -42.24 -17.86
C GLN F 112 45.95 -42.19 -18.18
N PHE F 113 45.64 -42.00 -19.46
CA PHE F 113 44.27 -41.97 -19.91
C PHE F 113 44.21 -41.98 -21.44
N LYS F 114 43.06 -42.36 -21.99
CA LYS F 114 42.88 -42.41 -23.44
C LYS F 114 41.71 -41.54 -23.92
N SER F 116 39.21 -40.76 -26.73
CA SER F 116 38.61 -41.18 -27.98
C SER F 116 37.48 -40.22 -28.40
N ALA F 117 37.50 -39.85 -29.67
CA ALA F 117 36.48 -39.05 -30.29
C ALA F 117 35.94 -39.85 -31.45
N SER F 118 34.65 -39.76 -31.64
CA SER F 118 33.97 -40.34 -32.77
C SER F 118 32.66 -39.57 -32.87
N ALA F 119 32.49 -38.87 -33.99
CA ALA F 119 31.34 -37.99 -34.23
C ALA F 119 30.83 -38.29 -35.62
N SER F 120 29.53 -38.59 -35.75
CA SER F 120 28.94 -38.78 -37.11
C SER F 120 28.19 -37.55 -37.65
N ASN F 121 27.72 -37.61 -38.90
CA ASN F 121 27.04 -36.48 -39.54
C ASN F 121 25.55 -36.55 -39.16
N PRO F 122 25.10 -35.56 -38.38
CA PRO F 122 23.76 -35.52 -37.87
C PRO F 122 22.73 -35.40 -38.97
N LEU F 123 23.15 -35.12 -40.21
CA LEU F 123 22.20 -34.98 -41.31
C LEU F 123 22.12 -36.25 -42.15
N ASN F 124 23.17 -37.07 -42.12
CA ASN F 124 23.10 -38.42 -42.70
C ASN F 124 23.45 -39.55 -41.75
N VAL F 125 22.43 -40.18 -41.14
CA VAL F 125 22.66 -41.28 -40.20
C VAL F 125 23.66 -42.33 -40.73
N TYR F 126 23.81 -42.44 -42.05
CA TYR F 126 24.57 -43.53 -42.64
C TYR F 126 26.01 -43.19 -42.97
N ALA F 127 26.34 -41.91 -43.04
CA ALA F 127 27.73 -41.49 -43.21
C ALA F 127 28.69 -42.10 -42.16
N PRO F 128 29.96 -42.32 -42.53
CA PRO F 128 30.81 -42.82 -41.47
C PRO F 128 31.35 -41.69 -40.60
N PRO F 129 31.61 -41.98 -39.33
CA PRO F 129 32.14 -40.99 -38.37
C PRO F 129 33.63 -40.65 -38.50
N VAL F 130 34.03 -39.46 -38.06
CA VAL F 130 35.45 -39.17 -37.90
C VAL F 130 35.82 -39.89 -36.65
N ASP F 131 37.07 -40.37 -36.59
CA ASP F 131 37.57 -41.05 -35.43
C ASP F 131 39.00 -40.66 -35.11
N TYR F 132 39.26 -40.39 -33.82
CA TYR F 132 40.61 -40.50 -33.30
C TYR F 132 40.62 -41.22 -31.96
N VAL F 133 41.75 -41.85 -31.62
CA VAL F 133 42.02 -42.27 -30.24
C VAL F 133 43.41 -41.83 -29.87
N LEU F 134 43.52 -41.24 -28.69
CA LEU F 134 44.78 -40.83 -28.13
C LEU F 134 45.05 -41.59 -26.82
N ASN F 135 46.25 -42.13 -26.70
CA ASN F 135 46.70 -42.71 -25.47
C ASN F 135 47.76 -41.83 -24.95
N VAL F 136 47.48 -41.12 -23.87
CA VAL F 136 48.48 -40.21 -23.34
C VAL F 136 48.91 -40.58 -21.94
N CYS F 137 50.16 -40.25 -21.64
CA CYS F 137 50.72 -40.50 -20.36
C CYS F 137 51.36 -39.19 -19.94
N VAL F 138 50.96 -38.64 -18.79
CA VAL F 138 51.44 -37.34 -18.33
C VAL F 138 52.26 -37.47 -17.06
N LYS F 139 53.46 -36.88 -17.07
CA LYS F 139 54.34 -36.96 -15.93
C LYS F 139 54.22 -35.74 -15.02
N LYS F 140 54.56 -35.92 -13.75
CA LYS F 140 54.49 -34.87 -12.71
C LYS F 140 55.37 -33.66 -12.97
N ASP F 141 56.37 -33.86 -13.82
CA ASP F 141 57.27 -32.80 -14.26
C ASP F 141 56.74 -32.07 -15.50
N GLY F 142 55.69 -32.62 -16.10
CA GLY F 142 55.09 -32.03 -17.29
C GLY F 142 55.56 -32.60 -18.61
N SER F 143 56.19 -33.77 -18.60
CA SER F 143 56.44 -34.53 -19.83
C SER F 143 55.14 -35.18 -20.28
N ILE F 144 54.94 -35.27 -21.59
CA ILE F 144 53.93 -36.18 -22.07
C ILE F 144 54.46 -37.24 -23.00
N ASP F 145 53.73 -38.34 -23.07
CA ASP F 145 54.01 -39.38 -24.02
C ASP F 145 52.70 -39.74 -24.70
N VAL F 146 52.65 -39.54 -26.02
CA VAL F 146 51.43 -39.74 -26.79
C VAL F 146 51.55 -40.76 -27.93
N GLN F 147 50.60 -41.68 -27.97
CA GLN F 147 50.45 -42.59 -29.11
C GLN F 147 49.04 -42.49 -29.65
N GLY F 148 48.93 -42.13 -30.92
CA GLY F 148 47.64 -41.77 -31.49
C GLY F 148 47.30 -42.47 -32.77
N GLU F 149 46.02 -42.55 -33.06
CA GLU F 149 45.53 -42.93 -34.37
C GLU F 149 44.44 -42.01 -34.76
N HIS F 150 44.18 -41.90 -36.06
CA HIS F 150 43.06 -41.09 -36.54
C HIS F 150 42.72 -41.37 -38.01
N ASP F 151 41.52 -41.00 -38.43
CA ASP F 151 41.16 -41.09 -39.84
C ASP F 151 42.03 -40.11 -40.68
N GLY F 152 42.19 -40.41 -41.96
CA GLY F 152 43.00 -39.57 -42.83
C GLY F 152 42.34 -38.27 -43.26
N PHE F 153 41.09 -38.08 -42.86
CA PHE F 153 40.33 -36.88 -43.22
C PHE F 153 39.45 -36.41 -42.05
N PRO F 154 39.26 -35.10 -41.86
CA PRO F 154 39.81 -33.92 -42.46
C PRO F 154 41.14 -33.59 -41.75
N CYS F 155 41.21 -32.45 -41.05
CA CYS F 155 42.42 -32.05 -40.40
C CYS F 155 42.35 -32.30 -38.92
N PHE F 156 43.49 -32.72 -38.36
CA PHE F 156 43.58 -33.00 -36.95
C PHE F 156 44.72 -32.19 -36.41
N GLU F 157 44.57 -31.69 -35.20
CA GLU F 157 45.63 -30.97 -34.51
C GLU F 157 45.62 -31.20 -33.01
N PHE F 158 46.79 -31.39 -32.42
CA PHE F 158 46.86 -31.71 -30.99
C PHE F 158 47.86 -30.83 -30.29
N TYR F 159 47.52 -30.30 -29.10
CA TYR F 159 48.40 -29.35 -28.37
C TYR F 159 48.54 -29.58 -26.88
N LYS F 160 49.72 -29.32 -26.34
CA LYS F 160 49.78 -29.25 -24.90
C LYS F 160 50.02 -27.84 -24.39
N GLN F 161 49.46 -27.56 -23.21
CA GLN F 161 49.70 -26.31 -22.53
C GLN F 161 49.95 -26.57 -21.05
N VAL F 162 51.12 -26.21 -20.55
CA VAL F 162 51.37 -26.39 -19.14
C VAL F 162 51.38 -25.07 -18.31
N ASP F 163 50.77 -25.15 -17.13
CA ASP F 163 50.67 -24.10 -16.15
C ASP F 163 50.39 -22.76 -16.79
N PHE F 164 49.35 -22.76 -17.62
CA PHE F 164 48.81 -21.57 -18.26
C PHE F 164 49.83 -20.91 -19.16
N GLY F 165 50.76 -21.71 -19.66
CA GLY F 165 51.83 -21.19 -20.50
C GLY F 165 51.42 -21.14 -21.96
N PRO F 166 52.41 -21.00 -22.84
CA PRO F 166 52.12 -20.99 -24.26
C PRO F 166 51.68 -22.38 -24.72
N PHE F 167 50.91 -22.45 -25.80
CA PHE F 167 50.64 -23.74 -26.40
C PHE F 167 51.86 -24.31 -27.09
N GLU F 168 51.87 -25.63 -27.23
CA GLU F 168 52.96 -26.34 -27.88
C GLU F 168 52.35 -27.46 -28.72
N LYS F 169 52.76 -27.52 -29.99
CA LYS F 169 52.23 -28.52 -30.91
C LYS F 169 52.66 -29.92 -30.51
N ILE F 170 51.71 -30.83 -30.36
CA ILE F 170 52.00 -32.24 -30.24
C ILE F 170 52.09 -32.89 -31.63
N TYR F 171 51.10 -32.63 -32.46
CA TYR F 171 50.99 -33.29 -33.75
C TYR F 171 49.91 -32.63 -34.60
N THR F 172 50.15 -32.52 -35.90
CA THR F 172 49.13 -32.04 -36.82
C THR F 172 49.07 -32.94 -38.05
N HIS F 173 47.89 -33.12 -38.61
CA HIS F 173 47.71 -33.85 -39.86
C HIS F 173 46.87 -33.02 -40.83
N ASP F 174 47.34 -32.89 -42.07
CA ASP F 174 46.72 -31.99 -43.03
C ASP F 174 46.42 -32.77 -44.28
N PHE F 175 45.15 -33.11 -44.50
CA PHE F 175 44.81 -34.04 -45.59
C PHE F 175 45.16 -33.50 -46.97
N ARG F 176 45.20 -32.19 -47.08
CA ARG F 176 45.58 -31.67 -48.35
C ARG F 176 47.09 -31.77 -48.59
N GLU F 177 47.87 -32.22 -47.62
CA GLU F 177 49.31 -32.55 -47.83
C GLU F 177 49.50 -34.02 -48.15
N THR F 178 48.71 -34.89 -47.52
CA THR F 178 48.85 -36.31 -47.72
C THR F 178 47.98 -36.88 -48.81
N GLY F 179 47.31 -36.03 -49.58
CA GLY F 179 46.34 -36.48 -50.56
C GLY F 179 45.25 -37.45 -50.09
N ASP F 180 44.63 -37.19 -48.95
CA ASP F 180 43.52 -38.02 -48.50
C ASP F 180 42.20 -37.36 -48.85
N THR F 181 41.10 -38.08 -48.63
CA THR F 181 39.82 -37.72 -49.21
C THR F 181 38.73 -37.92 -48.17
N ALA F 182 37.53 -37.43 -48.44
CA ALA F 182 36.38 -37.68 -47.55
C ALA F 182 36.13 -39.18 -47.35
N ALA F 183 36.57 -39.99 -48.32
CA ALA F 183 36.44 -41.44 -48.19
C ALA F 183 37.18 -41.96 -46.97
N ALA F 184 38.25 -41.26 -46.57
CA ALA F 184 39.13 -41.73 -45.50
C ALA F 184 38.41 -41.68 -44.16
N LEU F 185 37.20 -41.12 -44.14
CA LEU F 185 36.39 -41.11 -42.95
C LEU F 185 35.85 -42.49 -42.61
N GLY F 186 35.84 -43.39 -43.57
CA GLY F 186 35.36 -44.73 -43.35
C GLY F 186 36.53 -45.66 -43.15
N GLY F 187 36.24 -46.98 -43.09
CA GLY F 187 37.24 -48.01 -42.82
C GLY F 187 37.76 -47.89 -41.41
N ASN F 188 39.06 -48.14 -41.22
CA ASN F 188 39.70 -47.94 -39.93
C ASN F 188 40.46 -46.64 -39.89
N ASP F 190 43.59 -44.52 -40.27
CA ASP F 190 44.66 -44.93 -41.14
C ASP F 190 46.01 -44.29 -40.88
N TYR F 191 46.07 -43.33 -39.99
CA TYR F 191 47.38 -42.89 -39.58
C TYR F 191 47.54 -43.24 -38.14
N SER F 192 48.78 -43.42 -37.73
CA SER F 192 49.13 -43.40 -36.33
C SER F 192 50.32 -42.48 -36.12
N PHE F 193 50.55 -42.07 -34.87
CA PHE F 193 51.76 -41.35 -34.50
C PHE F 193 52.17 -41.60 -33.07
N THR F 194 53.38 -41.17 -32.78
CA THR F 194 53.96 -41.29 -31.46
C THR F 194 54.67 -40.00 -31.23
N LYS F 195 54.47 -39.38 -30.08
CA LYS F 195 55.23 -38.19 -29.81
C LYS F 195 55.53 -38.00 -28.33
N ARG F 196 56.71 -37.45 -28.09
CA ARG F 196 57.20 -37.12 -26.77
C ARG F 196 57.55 -35.65 -26.66
N LEU F 197 56.98 -34.99 -25.63
CA LEU F 197 57.30 -33.60 -25.29
C LEU F 197 57.92 -33.44 -23.89
#